data_6DL7
#
_entry.id   6DL7
#
_cell.length_a   142.390
_cell.length_b   153.440
_cell.length_c   104.790
_cell.angle_alpha   90.00
_cell.angle_beta   117.58
_cell.angle_gamma   90.00
#
_symmetry.space_group_name_H-M   'C 1 2 1'
#
loop_
_entity.id
_entity.type
_entity.pdbx_description
1 polymer 'ATP-dependent Clp protease proteolytic subunit, mitochondrial'
2 non-polymer 7-benzyl-4-[(2-methylphenyl)methyl]-6,7,8,9-tetrahydroimidazo[1,2-a]pyrido[3,4-e]pyrimidin-5(4H)-one
3 water water
#
_entity_poly.entity_id   1
_entity_poly.type   'polypeptide(L)'
_entity_poly.pdbx_seq_one_letter_code
;SLIPIVVEQTGRGERAYDIYSRLLRERIVCVMGPIDDSVASLVIAQLLFLQSESNKKPIHMYINSPGGVVTAGLAIYDTM
QYILNPICTWCVGQAASMGSLLLAAGTPGMRHSLPNSRIMIHQPSGGARGQATDIAIQAEEIMKLKKQLYNIYAKHTKQS
LQVIESAMERDRYMSPMEAQEFGILDKVLVHPPQDGEDEPTLVQKEPVEAAPAAEPVPAST
;
_entity_poly.pdbx_strand_id   A,B,C,D,E,F,G
#
# COMPACT_ATOMS: atom_id res chain seq x y z
N SER A 1 10.32 2.24 5.70
CA SER A 1 11.73 1.88 5.54
C SER A 1 11.88 0.73 4.55
N LEU A 2 12.55 1.00 3.43
CA LEU A 2 12.75 -0.02 2.40
C LEU A 2 14.21 -0.06 1.95
N ILE A 3 14.50 0.45 0.76
CA ILE A 3 15.78 0.23 0.09
C ILE A 3 16.61 1.51 0.20
N PRO A 4 17.88 1.43 0.57
CA PRO A 4 18.73 2.63 0.62
C PRO A 4 19.18 3.08 -0.77
N ILE A 5 19.71 4.29 -0.82
CA ILE A 5 20.30 4.87 -2.02
C ILE A 5 21.79 5.01 -1.80
N VAL A 6 22.56 4.83 -2.87
CA VAL A 6 24.02 4.85 -2.78
C VAL A 6 24.56 5.98 -3.65
N VAL A 7 25.80 6.36 -3.37
CA VAL A 7 26.48 7.46 -4.05
C VAL A 7 26.07 7.59 -5.51
N ASP A 18 19.73 3.41 -5.47
CA ASP A 18 19.25 2.05 -5.24
C ASP A 18 20.41 1.06 -5.28
N ILE A 19 20.49 0.21 -4.26
CA ILE A 19 21.63 -0.68 -4.14
C ILE A 19 21.48 -1.91 -5.03
N TYR A 20 20.25 -2.37 -5.26
CA TYR A 20 20.07 -3.51 -6.16
C TYR A 20 20.33 -3.12 -7.61
N SER A 21 20.06 -1.86 -7.98
CA SER A 21 20.49 -1.38 -9.27
C SER A 21 22.01 -1.31 -9.35
N ARG A 22 22.65 -0.97 -8.24
CA ARG A 22 24.12 -0.99 -8.19
C ARG A 22 24.64 -2.38 -8.50
N LEU A 23 24.05 -3.40 -7.88
CA LEU A 23 24.47 -4.77 -8.16
C LEU A 23 24.29 -5.10 -9.63
N LEU A 24 23.25 -4.56 -10.26
CA LEU A 24 23.04 -4.84 -11.67
C LEU A 24 24.11 -4.18 -12.53
N ARG A 25 24.66 -3.04 -12.08
CA ARG A 25 25.80 -2.46 -12.79
C ARG A 25 27.03 -3.36 -12.66
N GLU A 26 27.15 -4.09 -11.56
CA GLU A 26 28.20 -5.08 -11.40
C GLU A 26 27.92 -6.35 -12.19
N ARG A 27 26.79 -6.42 -12.90
CA ARG A 27 26.39 -7.62 -13.63
C ARG A 27 26.09 -8.77 -12.65
N ILE A 28 25.48 -8.42 -11.52
CA ILE A 28 25.04 -9.40 -10.53
C ILE A 28 23.53 -9.55 -10.64
N VAL A 29 23.06 -10.79 -10.67
CA VAL A 29 21.63 -11.11 -10.67
C VAL A 29 21.32 -11.90 -9.41
N CYS A 30 20.33 -11.44 -8.65
CA CYS A 30 20.03 -12.00 -7.35
C CYS A 30 18.84 -12.94 -7.43
N VAL A 31 19.05 -14.19 -7.01
CA VAL A 31 17.97 -15.13 -6.75
C VAL A 31 18.00 -15.45 -5.25
N MET A 32 17.64 -14.47 -4.43
CA MET A 32 17.78 -14.59 -2.99
C MET A 32 16.41 -14.69 -2.31
N GLY A 33 15.61 -15.67 -2.73
CA GLY A 33 14.33 -15.92 -2.13
C GLY A 33 13.64 -17.09 -2.79
N PRO A 34 12.38 -17.34 -2.42
CA PRO A 34 11.63 -18.40 -3.10
C PRO A 34 11.43 -18.08 -4.57
N ILE A 35 11.56 -19.10 -5.42
CA ILE A 35 11.48 -18.94 -6.86
C ILE A 35 10.04 -19.11 -7.30
N ASP A 36 9.50 -18.10 -7.96
CA ASP A 36 8.18 -18.18 -8.59
C ASP A 36 8.29 -17.57 -9.99
N ASP A 37 7.14 -17.44 -10.67
CA ASP A 37 7.16 -16.94 -12.04
C ASP A 37 7.60 -15.47 -12.09
N SER A 38 7.29 -14.69 -11.06
CA SER A 38 7.70 -13.29 -11.06
C SER A 38 9.21 -13.16 -10.93
N VAL A 39 9.80 -13.93 -10.02
CA VAL A 39 11.27 -13.97 -9.91
C VAL A 39 11.87 -14.39 -11.24
N ALA A 40 11.33 -15.45 -11.84
CA ALA A 40 11.87 -15.95 -13.10
C ALA A 40 11.87 -14.85 -14.17
N SER A 41 10.75 -14.16 -14.32
CA SER A 41 10.67 -13.09 -15.31
C SER A 41 11.71 -12.02 -15.06
N LEU A 42 11.83 -11.58 -13.80
CA LEU A 42 12.79 -10.54 -13.47
C LEU A 42 14.22 -11.01 -13.72
N VAL A 43 14.53 -12.24 -13.28
CA VAL A 43 15.86 -12.79 -13.52
C VAL A 43 16.13 -12.89 -15.01
N ILE A 44 15.18 -13.45 -15.76
CA ILE A 44 15.38 -13.64 -17.20
C ILE A 44 15.56 -12.30 -17.89
N ALA A 45 14.73 -11.31 -17.53
CA ALA A 45 14.87 -9.99 -18.14
C ALA A 45 16.25 -9.41 -17.89
N GLN A 46 16.81 -9.67 -16.71
CA GLN A 46 18.13 -9.14 -16.39
C GLN A 46 19.23 -9.89 -17.12
N LEU A 47 19.10 -11.20 -17.24
CA LEU A 47 20.12 -11.99 -17.95
C LEU A 47 20.22 -11.57 -19.40
N LEU A 48 19.08 -11.38 -20.08
CA LEU A 48 19.10 -10.96 -21.47
C LEU A 48 19.66 -9.55 -21.62
N PHE A 49 19.35 -8.67 -20.67
CA PHE A 49 19.89 -7.31 -20.72
C PHE A 49 21.40 -7.31 -20.59
N LEU A 50 21.93 -8.09 -19.64
CA LEU A 50 23.37 -8.11 -19.42
C LEU A 50 24.11 -8.70 -20.62
N GLN A 51 23.56 -9.74 -21.23
CA GLN A 51 24.17 -10.28 -22.43
C GLN A 51 24.30 -9.22 -23.50
N SER A 52 23.31 -8.34 -23.61
CA SER A 52 23.34 -7.31 -24.64
C SER A 52 24.45 -6.30 -24.38
N GLU A 53 24.54 -5.80 -23.15
CA GLU A 53 25.66 -4.93 -22.79
C GLU A 53 26.99 -5.58 -23.13
N SER A 54 27.09 -6.89 -22.92
CA SER A 54 28.27 -7.65 -23.33
C SER A 54 27.98 -9.15 -23.24
N ASN A 55 28.18 -9.86 -24.34
CA ASN A 55 27.99 -11.30 -24.36
C ASN A 55 29.27 -12.07 -24.08
N LYS A 56 30.37 -11.39 -23.78
CA LYS A 56 31.61 -12.03 -23.38
C LYS A 56 31.91 -11.86 -21.89
N LYS A 57 31.48 -10.77 -21.28
CA LYS A 57 31.77 -10.55 -19.87
C LYS A 57 30.99 -11.53 -19.02
N PRO A 58 31.56 -12.05 -17.94
CA PRO A 58 30.81 -12.98 -17.09
C PRO A 58 29.65 -12.31 -16.38
N ILE A 59 28.62 -13.10 -16.10
CA ILE A 59 27.49 -12.69 -15.28
C ILE A 59 27.54 -13.46 -13.97
N HIS A 60 27.14 -12.80 -12.90
CA HIS A 60 27.20 -13.36 -11.56
C HIS A 60 25.79 -13.52 -11.01
N MET A 61 25.51 -14.70 -10.46
CA MET A 61 24.20 -15.02 -9.90
C MET A 61 24.35 -15.34 -8.42
N TYR A 62 23.72 -14.53 -7.57
CA TYR A 62 23.73 -14.75 -6.14
C TYR A 62 22.51 -15.57 -5.76
N ILE A 63 22.73 -16.74 -5.17
CA ILE A 63 21.67 -17.71 -4.91
C ILE A 63 21.57 -17.89 -3.40
N ASN A 64 20.43 -17.46 -2.83
CA ASN A 64 20.07 -17.74 -1.44
C ASN A 64 18.58 -18.09 -1.44
N SER A 65 18.26 -19.29 -1.95
CA SER A 65 16.89 -19.66 -2.22
C SER A 65 16.58 -21.02 -1.61
N PRO A 66 15.42 -21.18 -0.97
CA PRO A 66 14.97 -22.51 -0.55
C PRO A 66 14.31 -23.33 -1.66
N GLY A 67 14.31 -22.82 -2.89
CA GLY A 67 13.64 -23.46 -4.00
C GLY A 67 12.37 -22.75 -4.40
N GLY A 68 11.55 -23.46 -5.19
CA GLY A 68 10.28 -22.89 -5.60
C GLY A 68 9.67 -23.67 -6.75
N VAL A 69 8.96 -22.93 -7.61
CA VAL A 69 8.22 -23.55 -8.70
C VAL A 69 9.19 -24.14 -9.71
N VAL A 70 8.96 -25.39 -10.09
CA VAL A 70 9.89 -26.08 -10.99
C VAL A 70 9.94 -25.37 -12.35
N THR A 71 8.78 -25.15 -12.96
CA THR A 71 8.77 -24.52 -14.29
C THR A 71 9.39 -23.13 -14.25
N ALA A 72 9.20 -22.40 -13.15
CA ALA A 72 9.89 -21.11 -12.99
C ALA A 72 11.39 -21.31 -12.94
N GLY A 73 11.84 -22.35 -12.23
CA GLY A 73 13.28 -22.60 -12.13
C GLY A 73 13.87 -23.05 -13.44
N LEU A 74 13.16 -23.91 -14.18
CA LEU A 74 13.67 -24.37 -15.47
C LEU A 74 13.71 -23.23 -16.48
N ALA A 75 12.82 -22.26 -16.35
CA ALA A 75 12.88 -21.09 -17.22
C ALA A 75 14.20 -20.35 -17.05
N ILE A 76 14.59 -20.11 -15.79
CA ILE A 76 15.88 -19.48 -15.52
C ILE A 76 17.02 -20.33 -16.06
N TYR A 77 16.98 -21.63 -15.77
CA TYR A 77 18.03 -22.53 -16.26
C TYR A 77 18.16 -22.44 -17.77
N ASP A 78 17.04 -22.52 -18.49
CA ASP A 78 17.10 -22.45 -19.95
C ASP A 78 17.67 -21.11 -20.42
N THR A 79 17.40 -20.03 -19.69
CA THR A 79 17.98 -18.74 -20.04
C THR A 79 19.48 -18.71 -19.74
N MET A 80 19.89 -19.33 -18.64
CA MET A 80 21.32 -19.44 -18.34
C MET A 80 22.05 -20.20 -19.45
N GLN A 81 21.44 -21.27 -19.95
CA GLN A 81 22.08 -22.04 -21.02
C GLN A 81 22.01 -21.31 -22.35
N TYR A 82 21.01 -20.44 -22.52
CA TYR A 82 20.85 -19.76 -23.81
C TYR A 82 21.92 -18.71 -24.02
N ILE A 83 22.12 -17.82 -23.06
CA ILE A 83 23.05 -16.71 -23.25
C ILE A 83 24.47 -17.23 -23.37
N LEU A 84 25.30 -16.49 -24.10
CA LEU A 84 26.67 -16.89 -24.37
C LEU A 84 27.60 -16.58 -23.19
N ASN A 85 27.21 -15.65 -22.32
CA ASN A 85 28.10 -15.22 -21.25
C ASN A 85 28.47 -16.41 -20.36
N PRO A 86 29.69 -16.43 -19.83
CA PRO A 86 29.97 -17.35 -18.71
C PRO A 86 29.27 -16.85 -17.46
N ILE A 87 28.73 -17.78 -16.69
CA ILE A 87 27.91 -17.44 -15.52
C ILE A 87 28.59 -18.03 -14.29
N CYS A 88 28.94 -17.17 -13.34
CA CYS A 88 29.48 -17.57 -12.05
C CYS A 88 28.34 -17.60 -11.05
N THR A 89 28.05 -18.77 -10.50
CA THR A 89 27.03 -18.91 -9.47
C THR A 89 27.68 -18.84 -8.10
N TRP A 90 27.00 -18.17 -7.17
CA TRP A 90 27.49 -17.98 -5.81
C TRP A 90 26.39 -18.35 -4.84
N CYS A 91 26.64 -19.34 -4.00
CA CYS A 91 25.68 -19.79 -2.98
C CYS A 91 26.03 -19.14 -1.66
N VAL A 92 25.08 -18.37 -1.11
CA VAL A 92 25.22 -17.75 0.20
C VAL A 92 23.94 -18.04 0.98
N GLY A 93 24.10 -18.53 2.20
CA GLY A 93 22.96 -18.95 2.99
C GLY A 93 22.58 -20.39 2.68
N GLN A 94 21.87 -20.61 1.59
CA GLN A 94 21.50 -21.96 1.19
C GLN A 94 21.10 -21.99 -0.28
N ALA A 95 21.15 -23.19 -0.85
CA ALA A 95 20.64 -23.46 -2.19
C ALA A 95 19.91 -24.80 -2.13
N ALA A 96 18.59 -24.75 -2.04
CA ALA A 96 17.77 -25.94 -1.86
C ALA A 96 16.85 -26.15 -3.06
N SER A 97 16.70 -27.39 -3.48
N SER A 97 16.72 -27.40 -3.49
CA SER A 97 15.77 -27.77 -4.55
CA SER A 97 15.80 -27.78 -4.56
C SER A 97 16.19 -27.03 -5.82
C SER A 97 16.21 -27.02 -5.83
N MET A 98 15.31 -26.28 -6.47
CA MET A 98 15.67 -25.61 -7.73
C MET A 98 16.81 -24.63 -7.53
N GLY A 99 16.97 -24.09 -6.32
CA GLY A 99 18.11 -23.23 -6.05
C GLY A 99 19.43 -23.93 -6.31
N SER A 100 19.55 -25.19 -5.88
CA SER A 100 20.78 -25.92 -6.11
C SER A 100 20.94 -26.31 -7.58
N LEU A 101 19.83 -26.46 -8.31
CA LEU A 101 19.92 -26.71 -9.74
C LEU A 101 20.54 -25.51 -10.46
N LEU A 102 20.09 -24.30 -10.11
CA LEU A 102 20.68 -23.10 -10.71
C LEU A 102 22.14 -22.96 -10.31
N LEU A 103 22.47 -23.33 -9.07
CA LEU A 103 23.86 -23.28 -8.62
C LEU A 103 24.73 -24.20 -9.46
N ALA A 104 24.28 -25.44 -9.67
CA ALA A 104 25.06 -26.39 -10.45
C ALA A 104 25.08 -26.04 -11.94
N ALA A 105 24.16 -25.20 -12.40
CA ALA A 105 24.10 -24.83 -13.81
C ALA A 105 25.11 -23.74 -14.19
N GLY A 106 25.85 -23.21 -13.23
CA GLY A 106 26.87 -22.23 -13.54
C GLY A 106 27.92 -22.79 -14.48
N THR A 107 28.65 -21.89 -15.11
CA THR A 107 29.72 -22.29 -16.01
C THR A 107 30.71 -23.18 -15.27
N PRO A 108 31.14 -24.29 -15.86
CA PRO A 108 32.12 -25.15 -15.19
C PRO A 108 33.34 -24.37 -14.73
N GLY A 109 33.74 -24.58 -13.48
CA GLY A 109 34.85 -23.88 -12.88
C GLY A 109 34.48 -22.59 -12.18
N MET A 110 33.23 -22.14 -12.30
CA MET A 110 32.80 -20.85 -11.76
C MET A 110 31.61 -20.98 -10.83
N ARG A 111 31.40 -22.16 -10.24
CA ARG A 111 30.34 -22.38 -9.27
C ARG A 111 30.95 -22.37 -7.88
N HIS A 112 30.55 -21.39 -7.06
CA HIS A 112 31.15 -21.19 -5.75
C HIS A 112 30.11 -21.29 -4.65
N SER A 113 30.61 -21.41 -3.43
CA SER A 113 29.79 -21.31 -2.23
C SER A 113 30.63 -20.70 -1.12
N LEU A 114 29.96 -19.95 -0.24
CA LEU A 114 30.62 -19.46 0.95
C LEU A 114 30.68 -20.57 2.00
N PRO A 115 31.53 -20.42 3.02
CA PRO A 115 31.88 -21.59 3.86
C PRO A 115 30.70 -22.24 4.57
N ASN A 116 29.71 -21.47 5.03
CA ASN A 116 28.68 -22.00 5.90
C ASN A 116 27.34 -22.23 5.19
N SER A 117 27.31 -22.23 3.86
CA SER A 117 26.07 -22.43 3.14
C SER A 117 25.60 -23.87 3.27
N ARG A 118 24.30 -24.06 3.03
CA ARG A 118 23.67 -25.38 3.03
C ARG A 118 23.09 -25.64 1.64
N ILE A 119 23.40 -26.82 1.09
CA ILE A 119 23.02 -27.18 -0.27
C ILE A 119 22.18 -28.44 -0.21
N MET A 120 21.02 -28.42 -0.86
CA MET A 120 20.11 -29.56 -0.91
C MET A 120 19.63 -29.75 -2.33
N ILE A 121 19.80 -30.96 -2.86
CA ILE A 121 19.24 -31.35 -4.14
C ILE A 121 17.96 -32.16 -3.98
N HIS A 122 17.58 -32.50 -2.75
CA HIS A 122 16.33 -33.20 -2.51
C HIS A 122 15.14 -32.27 -2.75
N GLN A 123 14.20 -32.72 -3.58
CA GLN A 123 13.01 -31.93 -3.86
C GLN A 123 11.98 -32.13 -2.75
N PRO A 124 11.20 -31.10 -2.42
CA PRO A 124 10.23 -31.21 -1.34
C PRO A 124 8.98 -31.95 -1.79
N SER A 125 8.16 -32.33 -0.80
CA SER A 125 6.91 -33.03 -1.07
C SER A 125 5.78 -32.04 -1.31
N ALA A 132 5.41 -25.12 -5.60
CA ALA A 132 6.04 -26.22 -6.32
C ALA A 132 5.46 -26.36 -7.72
N THR A 133 4.14 -26.25 -7.83
CA THR A 133 3.43 -26.33 -9.10
C THR A 133 2.47 -25.15 -9.19
N ASP A 134 2.47 -24.47 -10.34
CA ASP A 134 1.51 -23.38 -10.55
C ASP A 134 0.09 -23.89 -10.44
N ILE A 135 -0.23 -24.97 -11.16
CA ILE A 135 -1.56 -25.56 -11.16
C ILE A 135 -1.42 -27.05 -10.85
N ALA A 136 -2.54 -27.65 -10.45
CA ALA A 136 -2.55 -29.07 -10.15
C ALA A 136 -2.25 -29.88 -11.39
N ILE A 137 -1.48 -30.97 -11.23
CA ILE A 137 -1.03 -31.76 -12.36
C ILE A 137 -1.07 -33.25 -12.00
N GLN A 138 -1.01 -34.08 -13.04
CA GLN A 138 -1.17 -35.52 -12.90
C GLN A 138 0.13 -36.18 -12.45
N ALA A 139 0.01 -37.45 -12.05
CA ALA A 139 1.16 -38.21 -11.58
C ALA A 139 2.21 -38.35 -12.68
N GLU A 140 1.77 -38.67 -13.90
CA GLU A 140 2.72 -38.83 -15.00
C GLU A 140 3.50 -37.55 -15.26
N GLU A 141 2.90 -36.39 -14.94
CA GLU A 141 3.56 -35.12 -15.24
C GLU A 141 4.58 -34.74 -14.18
N ILE A 142 4.26 -34.97 -12.90
CA ILE A 142 5.25 -34.73 -11.85
C ILE A 142 6.49 -35.60 -12.09
N MET A 143 6.28 -36.81 -12.59
CA MET A 143 7.40 -37.71 -12.84
C MET A 143 8.21 -37.27 -14.05
N LYS A 144 7.55 -36.72 -15.08
CA LYS A 144 8.28 -36.18 -16.22
C LYS A 144 9.14 -35.00 -15.79
N LEU A 145 8.60 -34.12 -14.94
CA LEU A 145 9.40 -33.03 -14.39
C LEU A 145 10.60 -33.60 -13.61
N LYS A 146 10.32 -34.52 -12.69
CA LYS A 146 11.38 -35.12 -11.89
C LYS A 146 12.51 -35.65 -12.78
N LYS A 147 12.14 -36.36 -13.85
CA LYS A 147 13.15 -36.92 -14.74
C LYS A 147 13.94 -35.83 -15.46
N GLN A 148 13.30 -34.69 -15.77
CA GLN A 148 14.05 -33.57 -16.34
C GLN A 148 15.10 -33.08 -15.37
N LEU A 149 14.76 -33.01 -14.08
CA LEU A 149 15.73 -32.58 -13.07
C LEU A 149 16.87 -33.58 -12.95
N TYR A 150 16.56 -34.88 -13.02
CA TYR A 150 17.61 -35.89 -12.99
C TYR A 150 18.62 -35.65 -14.11
N ASN A 151 18.13 -35.42 -15.33
CA ASN A 151 19.03 -35.25 -16.46
C ASN A 151 19.88 -33.99 -16.31
N ILE A 152 19.31 -32.90 -15.79
CA ILE A 152 20.07 -31.67 -15.63
C ILE A 152 21.13 -31.84 -14.54
N TYR A 153 20.73 -32.32 -13.37
CA TYR A 153 21.70 -32.57 -12.31
C TYR A 153 22.82 -33.49 -12.79
N ALA A 154 22.46 -34.56 -13.51
CA ALA A 154 23.47 -35.46 -14.06
C ALA A 154 24.40 -34.71 -15.00
N LYS A 155 23.84 -33.93 -15.92
CA LYS A 155 24.62 -33.21 -16.91
C LYS A 155 25.72 -32.39 -16.26
N HIS A 156 25.37 -31.60 -15.23
CA HIS A 156 26.28 -30.63 -14.68
C HIS A 156 27.13 -31.16 -13.52
N THR A 157 26.71 -32.25 -12.88
CA THR A 157 27.53 -32.87 -11.85
C THR A 157 28.48 -33.94 -12.39
N LYS A 158 28.28 -34.36 -13.64
CA LYS A 158 29.02 -35.45 -14.25
C LYS A 158 28.70 -36.79 -13.59
N GLN A 159 27.65 -36.86 -12.80
CA GLN A 159 27.22 -38.09 -12.15
C GLN A 159 26.22 -38.82 -13.04
N SER A 160 26.12 -40.14 -12.84
CA SER A 160 25.19 -40.94 -13.60
C SER A 160 23.77 -40.75 -13.06
N LEU A 161 22.80 -41.10 -13.89
CA LEU A 161 21.39 -40.97 -13.49
C LEU A 161 21.12 -41.70 -12.18
N GLN A 162 21.72 -42.89 -12.01
CA GLN A 162 21.44 -43.67 -10.82
C GLN A 162 21.85 -42.93 -9.55
N VAL A 163 23.09 -42.44 -9.49
CA VAL A 163 23.54 -41.82 -8.25
C VAL A 163 22.79 -40.52 -8.01
N ILE A 164 22.35 -39.85 -9.08
CA ILE A 164 21.49 -38.69 -8.91
C ILE A 164 20.17 -39.09 -8.26
N GLU A 165 19.45 -40.02 -8.89
CA GLU A 165 18.16 -40.44 -8.37
C GLU A 165 18.26 -40.89 -6.91
N SER A 166 19.29 -41.67 -6.59
CA SER A 166 19.43 -42.18 -5.23
C SER A 166 19.78 -41.05 -4.25
N ALA A 167 20.63 -40.12 -4.67
CA ALA A 167 21.02 -39.02 -3.79
C ALA A 167 19.85 -38.09 -3.53
N MET A 168 19.05 -37.79 -4.57
CA MET A 168 17.88 -36.94 -4.38
C MET A 168 16.82 -37.59 -3.52
N GLU A 169 16.95 -38.89 -3.24
CA GLU A 169 16.03 -39.56 -2.33
C GLU A 169 16.32 -39.24 -0.87
N ARG A 170 17.56 -38.87 -0.55
CA ARG A 170 17.96 -38.57 0.83
C ARG A 170 17.51 -37.16 1.20
N ASP A 171 16.73 -37.07 2.27
CA ASP A 171 16.23 -35.78 2.77
C ASP A 171 17.29 -35.17 3.69
N ARG A 172 18.25 -34.51 3.06
CA ARG A 172 19.40 -33.97 3.81
C ARG A 172 20.02 -32.82 3.03
N TYR A 173 20.83 -32.03 3.74
CA TYR A 173 21.63 -30.98 3.14
C TYR A 173 23.08 -31.43 3.04
N MET A 174 23.79 -30.87 2.07
CA MET A 174 25.23 -31.06 1.92
C MET A 174 25.97 -29.84 2.42
N SER A 175 27.21 -30.04 2.83
CA SER A 175 28.11 -28.94 3.08
C SER A 175 28.74 -28.49 1.76
N PRO A 176 29.34 -27.30 1.73
CA PRO A 176 30.01 -26.87 0.50
C PRO A 176 31.03 -27.88 -0.02
N MET A 177 31.80 -28.51 0.86
N MET A 177 31.79 -28.52 0.86
CA MET A 177 32.77 -29.50 0.42
CA MET A 177 32.77 -29.51 0.41
C MET A 177 32.07 -30.73 -0.17
C MET A 177 32.10 -30.75 -0.14
N GLU A 178 31.05 -31.23 0.52
CA GLU A 178 30.28 -32.35 -0.02
C GLU A 178 29.74 -32.00 -1.40
N ALA A 179 29.16 -30.80 -1.53
CA ALA A 179 28.68 -30.36 -2.83
C ALA A 179 29.80 -30.32 -3.86
N GLN A 180 30.99 -29.89 -3.45
CA GLN A 180 32.13 -29.90 -4.37
C GLN A 180 32.49 -31.32 -4.76
N GLU A 181 32.54 -32.24 -3.79
CA GLU A 181 32.78 -33.64 -4.12
C GLU A 181 31.73 -34.16 -5.11
N PHE A 182 30.46 -33.83 -4.89
CA PHE A 182 29.37 -34.39 -5.69
C PHE A 182 29.31 -33.77 -7.08
N GLY A 183 29.94 -32.62 -7.29
CA GLY A 183 29.92 -31.95 -8.57
C GLY A 183 28.89 -30.85 -8.71
N ILE A 184 28.33 -30.36 -7.61
CA ILE A 184 27.38 -29.25 -7.70
C ILE A 184 28.12 -27.92 -7.81
N LEU A 185 29.31 -27.81 -7.23
CA LEU A 185 30.08 -26.59 -7.29
C LEU A 185 31.56 -26.92 -7.40
N ASP A 186 32.35 -25.90 -7.69
CA ASP A 186 33.77 -26.08 -7.96
C ASP A 186 34.68 -25.53 -6.86
N LYS A 187 34.29 -24.44 -6.21
CA LYS A 187 35.17 -23.76 -5.27
C LYS A 187 34.40 -23.35 -4.02
N VAL A 188 35.03 -23.54 -2.86
CA VAL A 188 34.53 -23.04 -1.59
C VAL A 188 35.57 -22.06 -1.07
N LEU A 189 35.16 -20.82 -0.83
CA LEU A 189 36.09 -19.76 -0.48
C LEU A 189 35.62 -19.00 0.75
N VAL A 190 36.58 -18.61 1.59
CA VAL A 190 36.30 -17.78 2.76
C VAL A 190 36.38 -16.31 2.41
N HIS A 191 37.39 -15.93 1.62
CA HIS A 191 37.56 -14.55 1.17
C HIS A 191 38.05 -14.52 -0.27
N SER B 1 12.36 -6.93 -3.11
CA SER B 1 12.12 -5.58 -3.61
C SER B 1 11.43 -5.62 -4.97
N LEU B 2 11.21 -4.45 -5.55
CA LEU B 2 10.49 -4.37 -6.82
C LEU B 2 11.46 -4.43 -7.99
N ILE B 3 11.35 -3.50 -8.94
CA ILE B 3 11.99 -3.64 -10.24
C ILE B 3 13.27 -2.81 -10.28
N PRO B 4 14.34 -3.28 -10.93
CA PRO B 4 15.58 -2.52 -11.01
C PRO B 4 15.58 -1.52 -12.16
N ILE B 5 16.59 -0.65 -12.13
CA ILE B 5 16.79 0.38 -13.15
C ILE B 5 18.07 0.06 -13.90
N VAL B 6 18.12 0.43 -15.18
CA VAL B 6 19.21 0.05 -16.07
C VAL B 6 19.96 1.27 -16.60
N VAL B 7 19.26 2.22 -17.20
CA VAL B 7 19.92 3.35 -17.84
C VAL B 7 19.12 4.64 -17.60
N ASP B 18 11.26 -0.58 -14.63
CA ASP B 18 12.13 -0.04 -15.68
C ASP B 18 12.69 -1.13 -16.58
N ILE B 19 13.05 -2.28 -15.99
CA ILE B 19 13.62 -3.35 -16.79
C ILE B 19 12.62 -3.84 -17.83
N TYR B 20 11.33 -3.79 -17.51
CA TYR B 20 10.32 -4.21 -18.47
C TYR B 20 10.04 -3.13 -19.49
N SER B 21 10.16 -1.86 -19.12
CA SER B 21 10.14 -0.79 -20.12
C SER B 21 11.31 -0.98 -21.10
N ARG B 22 12.44 -1.46 -20.60
CA ARG B 22 13.55 -1.77 -21.50
C ARG B 22 13.18 -2.90 -22.47
N LEU B 23 12.51 -3.94 -21.97
CA LEU B 23 12.06 -5.01 -22.85
C LEU B 23 11.11 -4.47 -23.92
N LEU B 24 10.24 -3.53 -23.55
CA LEU B 24 9.32 -2.97 -24.52
C LEU B 24 10.07 -2.19 -25.60
N ARG B 25 11.17 -1.52 -25.23
CA ARG B 25 12.01 -0.87 -26.23
C ARG B 25 12.57 -1.89 -27.21
N GLU B 26 12.80 -3.12 -26.76
CA GLU B 26 13.19 -4.21 -27.64
C GLU B 26 12.02 -4.83 -28.39
N ARG B 27 10.82 -4.26 -28.25
CA ARG B 27 9.62 -4.79 -28.88
C ARG B 27 9.28 -6.17 -28.32
N ILE B 28 9.49 -6.33 -27.01
CA ILE B 28 9.16 -7.56 -26.29
C ILE B 28 7.97 -7.28 -25.39
N VAL B 29 6.91 -8.06 -25.57
CA VAL B 29 5.74 -8.03 -24.70
C VAL B 29 5.73 -9.31 -23.88
N CYS B 30 5.48 -9.19 -22.58
CA CYS B 30 5.52 -10.32 -21.67
C CYS B 30 4.11 -10.76 -21.29
N VAL B 31 3.82 -12.04 -21.51
CA VAL B 31 2.64 -12.69 -20.94
C VAL B 31 3.17 -13.72 -19.95
N MET B 32 3.64 -13.24 -18.79
CA MET B 32 4.49 -14.03 -17.92
C MET B 32 3.77 -14.51 -16.67
N GLY B 33 2.43 -14.56 -16.70
CA GLY B 33 1.68 -15.03 -15.57
C GLY B 33 0.27 -15.43 -15.97
N PRO B 34 -0.60 -15.61 -14.98
CA PRO B 34 -2.00 -15.95 -15.29
C PRO B 34 -2.67 -14.83 -16.07
N ILE B 35 -3.52 -15.21 -17.01
CA ILE B 35 -4.16 -14.26 -17.92
C ILE B 35 -5.50 -13.83 -17.30
N ASP B 36 -5.67 -12.53 -17.12
CA ASP B 36 -6.94 -11.95 -16.70
C ASP B 36 -7.17 -10.68 -17.50
N ASP B 37 -8.30 -10.02 -17.24
CA ASP B 37 -8.65 -8.83 -18.01
C ASP B 37 -7.57 -7.76 -17.90
N SER B 38 -7.04 -7.54 -16.69
CA SER B 38 -6.02 -6.51 -16.52
C SER B 38 -4.76 -6.84 -17.31
N VAL B 39 -4.33 -8.10 -17.29
CA VAL B 39 -3.21 -8.53 -18.13
C VAL B 39 -3.54 -8.29 -19.60
N ALA B 40 -4.76 -8.62 -20.01
CA ALA B 40 -5.15 -8.49 -21.41
C ALA B 40 -5.08 -7.03 -21.87
N SER B 41 -5.64 -6.12 -21.07
CA SER B 41 -5.65 -4.71 -21.46
C SER B 41 -4.23 -4.17 -21.58
N LEU B 42 -3.33 -4.59 -20.67
CA LEU B 42 -1.95 -4.14 -20.76
C LEU B 42 -1.27 -4.69 -22.00
N VAL B 43 -1.37 -6.00 -22.22
CA VAL B 43 -0.75 -6.59 -23.41
C VAL B 43 -1.30 -5.95 -24.66
N ILE B 44 -2.62 -5.76 -24.73
CA ILE B 44 -3.24 -5.18 -25.92
C ILE B 44 -2.67 -3.80 -26.20
N ALA B 45 -2.62 -2.94 -25.17
CA ALA B 45 -2.12 -1.58 -25.36
C ALA B 45 -0.68 -1.60 -25.86
N GLN B 46 0.14 -2.52 -25.36
CA GLN B 46 1.52 -2.60 -25.81
C GLN B 46 1.60 -3.07 -27.25
N LEU B 47 0.74 -4.01 -27.65
CA LEU B 47 0.76 -4.49 -29.04
C LEU B 47 0.41 -3.37 -30.00
N LEU B 48 -0.64 -2.61 -29.70
CA LEU B 48 -1.03 -1.51 -30.58
C LEU B 48 0.01 -0.41 -30.59
N PHE B 49 0.64 -0.15 -29.45
CA PHE B 49 1.71 0.86 -29.41
C PHE B 49 2.89 0.43 -30.28
N LEU B 50 3.28 -0.84 -30.17
CA LEU B 50 4.42 -1.32 -30.96
C LEU B 50 4.12 -1.26 -32.46
N GLN B 51 2.86 -1.55 -32.84
CA GLN B 51 2.51 -1.45 -34.25
C GLN B 51 2.66 -0.02 -34.76
N SER B 52 2.24 0.96 -33.95
CA SER B 52 2.38 2.35 -34.36
C SER B 52 3.85 2.72 -34.54
N GLU B 53 4.69 2.33 -33.58
CA GLU B 53 6.13 2.51 -33.74
C GLU B 53 6.59 1.95 -35.08
N SER B 54 6.03 0.82 -35.49
CA SER B 54 6.34 0.23 -36.79
C SER B 54 5.41 -0.95 -37.07
N ASN B 55 4.71 -0.90 -38.19
CA ASN B 55 3.80 -1.98 -38.58
C ASN B 55 4.50 -3.10 -39.34
N LYS B 56 5.83 -3.14 -39.28
CA LYS B 56 6.61 -4.07 -40.11
C LYS B 56 7.68 -4.78 -39.29
N LYS B 57 8.16 -4.13 -38.23
CA LYS B 57 9.20 -4.75 -37.40
C LYS B 57 8.58 -5.87 -36.57
N PRO B 58 9.22 -7.04 -36.49
CA PRO B 58 8.67 -8.11 -35.65
C PRO B 58 8.41 -7.65 -34.22
N ILE B 59 7.40 -8.24 -33.61
CA ILE B 59 7.12 -8.11 -32.18
C ILE B 59 7.36 -9.48 -31.55
N HIS B 60 7.91 -9.48 -30.34
CA HIS B 60 8.26 -10.70 -29.63
C HIS B 60 7.41 -10.81 -28.38
N MET B 61 6.84 -11.99 -28.15
CA MET B 61 5.95 -12.24 -27.03
C MET B 61 6.54 -13.35 -26.17
N TYR B 62 6.89 -13.02 -24.93
CA TYR B 62 7.41 -14.00 -23.99
C TYR B 62 6.25 -14.56 -23.17
N ILE B 63 6.06 -15.88 -23.24
CA ILE B 63 4.92 -16.55 -22.65
C ILE B 63 5.43 -17.54 -21.60
N ASN B 64 5.10 -17.26 -20.33
CA ASN B 64 5.26 -18.21 -19.23
C ASN B 64 3.98 -18.13 -18.42
N SER B 65 2.95 -18.87 -18.87
CA SER B 65 1.61 -18.69 -18.34
C SER B 65 0.94 -20.03 -18.07
N PRO B 66 0.28 -20.18 -16.92
CA PRO B 66 -0.57 -21.36 -16.70
C PRO B 66 -1.95 -21.26 -17.32
N GLY B 67 -2.27 -20.16 -17.99
CA GLY B 67 -3.57 -19.92 -18.55
C GLY B 67 -4.29 -18.78 -17.85
N GLY B 68 -5.61 -18.78 -17.98
CA GLY B 68 -6.42 -17.77 -17.32
C GLY B 68 -7.77 -17.63 -17.99
N VAL B 69 -8.33 -16.42 -17.85
CA VAL B 69 -9.67 -16.16 -18.36
C VAL B 69 -9.70 -16.35 -19.86
N VAL B 70 -10.68 -17.10 -20.35
CA VAL B 70 -10.75 -17.43 -21.77
C VAL B 70 -10.98 -16.18 -22.61
N THR B 71 -12.00 -15.38 -22.23
CA THR B 71 -12.30 -14.18 -23.00
C THR B 71 -11.12 -13.21 -22.98
N ALA B 72 -10.42 -13.11 -21.85
CA ALA B 72 -9.21 -12.30 -21.80
C ALA B 72 -8.16 -12.84 -22.76
N GLY B 73 -7.99 -14.15 -22.79
CA GLY B 73 -7.02 -14.74 -23.71
C GLY B 73 -7.42 -14.56 -25.17
N LEU B 74 -8.72 -14.61 -25.46
CA LEU B 74 -9.18 -14.39 -26.82
C LEU B 74 -9.02 -12.94 -27.23
N ALA B 75 -9.13 -12.01 -26.28
CA ALA B 75 -8.86 -10.62 -26.57
C ALA B 75 -7.42 -10.43 -27.07
N ILE B 76 -6.47 -11.02 -26.36
CA ILE B 76 -5.07 -10.97 -26.79
C ILE B 76 -4.92 -11.62 -28.16
N TYR B 77 -5.47 -12.83 -28.33
CA TYR B 77 -5.35 -13.54 -29.59
C TYR B 77 -5.88 -12.70 -30.75
N ASP B 78 -7.02 -12.05 -30.57
CA ASP B 78 -7.60 -11.24 -31.65
C ASP B 78 -6.69 -10.06 -31.99
N THR B 79 -6.09 -9.44 -30.98
CA THR B 79 -5.19 -8.32 -31.24
C THR B 79 -3.96 -8.80 -32.00
N MET B 80 -3.40 -9.95 -31.60
CA MET B 80 -2.28 -10.53 -32.34
C MET B 80 -2.62 -10.66 -33.82
N GLN B 81 -3.79 -11.22 -34.11
CA GLN B 81 -4.20 -11.42 -35.50
C GLN B 81 -4.50 -10.09 -36.19
N TYR B 82 -4.87 -9.06 -35.42
CA TYR B 82 -5.24 -7.79 -36.02
C TYR B 82 -4.02 -7.05 -36.54
N ILE B 83 -3.03 -6.82 -35.67
CA ILE B 83 -1.91 -5.97 -36.05
C ILE B 83 -1.16 -6.61 -37.22
N LEU B 84 -0.52 -5.75 -38.03
CA LEU B 84 0.17 -6.18 -39.24
C LEU B 84 1.51 -6.85 -38.95
N ASN B 85 2.07 -6.63 -37.77
CA ASN B 85 3.43 -7.07 -37.50
C ASN B 85 3.53 -8.59 -37.50
N PRO B 86 4.68 -9.15 -37.89
CA PRO B 86 4.96 -10.54 -37.54
C PRO B 86 5.20 -10.65 -36.04
N ILE B 87 4.59 -11.66 -35.42
CA ILE B 87 4.71 -11.86 -33.98
C ILE B 87 5.49 -13.16 -33.76
N CYS B 88 6.61 -13.05 -33.07
CA CYS B 88 7.40 -14.21 -32.67
C CYS B 88 7.03 -14.56 -31.23
N THR B 89 6.56 -15.78 -31.03
CA THR B 89 6.20 -16.27 -29.70
C THR B 89 7.32 -17.13 -29.15
N TRP B 90 7.59 -16.97 -27.85
CA TRP B 90 8.67 -17.67 -27.17
C TRP B 90 8.12 -18.26 -25.87
N CYS B 91 8.05 -19.58 -25.80
CA CYS B 91 7.62 -20.26 -24.59
C CYS B 91 8.81 -20.52 -23.69
N VAL B 92 8.80 -19.91 -22.51
N VAL B 92 8.77 -19.94 -22.49
CA VAL B 92 9.79 -20.15 -21.48
CA VAL B 92 9.78 -20.15 -21.47
C VAL B 92 9.05 -20.65 -20.24
C VAL B 92 9.07 -20.63 -20.22
N GLY B 93 9.52 -21.76 -19.68
CA GLY B 93 8.87 -22.35 -18.52
C GLY B 93 7.68 -23.21 -18.90
N GLN B 94 6.53 -22.58 -19.17
CA GLN B 94 5.35 -23.33 -19.57
C GLN B 94 4.40 -22.44 -20.34
N ALA B 95 3.62 -23.08 -21.23
CA ALA B 95 2.48 -22.45 -21.90
C ALA B 95 1.32 -23.44 -21.79
N ALA B 96 0.38 -23.14 -20.90
CA ALA B 96 -0.73 -24.04 -20.61
C ALA B 96 -2.06 -23.33 -20.84
N SER B 97 -3.06 -24.11 -21.28
CA SER B 97 -4.43 -23.62 -21.47
C SER B 97 -4.37 -22.45 -22.46
N MET B 98 -4.87 -21.27 -22.11
CA MET B 98 -4.83 -20.14 -23.04
C MET B 98 -3.39 -19.75 -23.36
N GLY B 99 -2.45 -20.04 -22.47
CA GLY B 99 -1.06 -19.73 -22.75
C GLY B 99 -0.56 -20.43 -23.99
N SER B 100 -0.90 -21.71 -24.16
CA SER B 100 -0.47 -22.45 -25.34
C SER B 100 -1.20 -21.99 -26.60
N LEU B 101 -2.37 -21.37 -26.46
CA LEU B 101 -3.08 -20.85 -27.62
C LEU B 101 -2.37 -19.62 -28.18
N LEU B 102 -1.98 -18.69 -27.30
CA LEU B 102 -1.23 -17.52 -27.74
C LEU B 102 0.12 -17.93 -28.31
N LEU B 103 0.73 -19.00 -27.79
CA LEU B 103 1.97 -19.51 -28.36
C LEU B 103 1.74 -20.00 -29.79
N ALA B 104 0.66 -20.75 -30.00
CA ALA B 104 0.36 -21.26 -31.34
C ALA B 104 -0.12 -20.17 -32.28
N ALA B 105 -0.58 -19.04 -31.76
CA ALA B 105 -1.06 -17.95 -32.59
C ALA B 105 0.06 -17.09 -33.17
N GLY B 106 1.31 -17.40 -32.86
CA GLY B 106 2.42 -16.67 -33.46
C GLY B 106 2.40 -16.78 -34.98
N THR B 107 3.24 -15.95 -35.60
CA THR B 107 3.36 -16.01 -37.05
C THR B 107 3.97 -17.35 -37.46
N PRO B 108 3.42 -17.99 -38.49
CA PRO B 108 4.00 -19.26 -38.94
C PRO B 108 5.52 -19.19 -39.12
N GLY B 109 6.21 -20.21 -38.62
CA GLY B 109 7.65 -20.26 -38.67
C GLY B 109 8.37 -19.49 -37.59
N MET B 110 7.66 -18.73 -36.76
CA MET B 110 8.27 -17.87 -35.75
C MET B 110 7.77 -18.21 -34.35
N ARG B 111 7.37 -19.46 -34.13
CA ARG B 111 6.90 -19.91 -32.82
C ARG B 111 7.98 -20.79 -32.21
N HIS B 112 8.46 -20.40 -31.04
CA HIS B 112 9.63 -21.05 -30.43
C HIS B 112 9.34 -21.46 -29.00
N SER B 113 10.21 -22.32 -28.49
CA SER B 113 10.21 -22.71 -27.09
C SER B 113 11.63 -23.10 -26.71
N LEU B 114 11.97 -22.88 -25.44
CA LEU B 114 13.26 -23.33 -24.93
C LEU B 114 13.18 -24.79 -24.53
N PRO B 115 14.32 -25.43 -24.30
CA PRO B 115 14.33 -26.91 -24.25
C PRO B 115 13.44 -27.52 -23.19
N ASN B 116 13.37 -26.94 -21.99
CA ASN B 116 12.73 -27.59 -20.86
C ASN B 116 11.33 -27.03 -20.58
N SER B 117 10.70 -26.40 -21.56
CA SER B 117 9.35 -25.87 -21.36
C SER B 117 8.31 -27.00 -21.43
N ARG B 118 7.14 -26.72 -20.85
CA ARG B 118 6.02 -27.65 -20.86
C ARG B 118 4.83 -26.96 -21.53
N ILE B 119 4.23 -27.63 -22.51
CA ILE B 119 3.10 -27.10 -23.25
C ILE B 119 1.88 -27.99 -22.98
N MET B 120 0.74 -27.36 -22.70
CA MET B 120 -0.51 -28.09 -22.49
C MET B 120 -1.64 -27.35 -23.17
N ILE B 121 -2.39 -28.07 -24.00
CA ILE B 121 -3.59 -27.51 -24.63
C ILE B 121 -4.87 -27.98 -23.94
N HIS B 122 -4.78 -28.94 -23.03
CA HIS B 122 -5.92 -29.29 -22.20
C HIS B 122 -6.40 -28.06 -21.44
N GLN B 123 -7.71 -27.90 -21.39
CA GLN B 123 -8.30 -26.78 -20.66
C GLN B 123 -8.64 -27.20 -19.24
N PRO B 124 -8.60 -26.27 -18.29
CA PRO B 124 -8.91 -26.62 -16.90
C PRO B 124 -10.40 -26.75 -16.67
N SER B 125 -10.75 -27.63 -15.73
CA SER B 125 -12.14 -27.77 -15.33
C SER B 125 -12.54 -26.60 -14.44
N GLY B 126 -13.62 -25.92 -14.82
CA GLY B 126 -14.07 -24.76 -14.08
C GLY B 126 -15.33 -24.15 -14.65
N ILE B 135 -17.01 -16.73 -16.27
CA ILE B 135 -17.43 -16.07 -15.04
C ILE B 135 -18.93 -16.30 -14.82
N ALA B 136 -19.27 -17.48 -14.30
CA ALA B 136 -20.66 -17.84 -14.05
C ALA B 136 -21.48 -17.77 -15.33
N ILE B 137 -21.39 -18.81 -16.16
CA ILE B 137 -22.07 -18.84 -17.46
C ILE B 137 -22.80 -20.16 -17.60
N GLN B 138 -23.61 -20.25 -18.65
CA GLN B 138 -24.45 -21.42 -18.89
C GLN B 138 -23.65 -22.51 -19.60
N ALA B 139 -24.21 -23.72 -19.59
CA ALA B 139 -23.55 -24.86 -20.22
C ALA B 139 -23.34 -24.61 -21.71
N GLU B 140 -24.35 -24.07 -22.39
CA GLU B 140 -24.22 -23.81 -23.82
C GLU B 140 -23.09 -22.83 -24.10
N GLU B 141 -22.89 -21.85 -23.22
CA GLU B 141 -21.85 -20.86 -23.45
C GLU B 141 -20.46 -21.44 -23.23
N ILE B 142 -20.28 -22.23 -22.16
CA ILE B 142 -19.00 -22.90 -21.96
C ILE B 142 -18.64 -23.71 -23.20
N MET B 143 -19.63 -24.33 -23.83
CA MET B 143 -19.37 -25.15 -25.00
C MET B 143 -19.10 -24.29 -26.23
N LYS B 144 -19.86 -23.20 -26.40
CA LYS B 144 -19.56 -22.27 -27.48
C LYS B 144 -18.12 -21.78 -27.39
N LEU B 145 -17.66 -21.43 -26.19
CA LEU B 145 -16.28 -21.01 -26.00
C LEU B 145 -15.31 -22.12 -26.36
N LYS B 146 -15.57 -23.33 -25.88
CA LYS B 146 -14.68 -24.45 -26.16
C LYS B 146 -14.55 -24.69 -27.66
N LYS B 147 -15.66 -24.58 -28.39
CA LYS B 147 -15.61 -24.74 -29.84
C LYS B 147 -14.75 -23.68 -30.50
N GLN B 148 -14.77 -22.45 -29.98
CA GLN B 148 -13.90 -21.41 -30.52
C GLN B 148 -12.43 -21.80 -30.37
N LEU B 149 -12.08 -22.38 -29.21
CA LEU B 149 -10.70 -22.83 -29.02
C LEU B 149 -10.33 -23.92 -30.01
N TYR B 150 -11.21 -24.91 -30.19
CA TYR B 150 -10.98 -25.95 -31.19
C TYR B 150 -10.63 -25.33 -32.54
N ASN B 151 -11.49 -24.43 -33.02
CA ASN B 151 -11.27 -23.82 -34.34
C ASN B 151 -9.93 -23.09 -34.40
N ILE B 152 -9.58 -22.36 -33.34
CA ILE B 152 -8.33 -21.62 -33.33
C ILE B 152 -7.14 -22.57 -33.36
N TYR B 153 -7.15 -23.57 -32.47
CA TYR B 153 -6.05 -24.53 -32.45
C TYR B 153 -5.92 -25.24 -33.79
N ALA B 154 -7.04 -25.58 -34.42
CA ALA B 154 -7.00 -26.28 -35.70
C ALA B 154 -6.43 -25.39 -36.80
N LYS B 155 -6.72 -24.08 -36.75
CA LYS B 155 -6.24 -23.17 -37.78
C LYS B 155 -4.73 -23.06 -37.76
N HIS B 156 -4.13 -23.01 -36.57
CA HIS B 156 -2.70 -22.71 -36.44
C HIS B 156 -1.84 -23.96 -36.33
N THR B 157 -2.37 -25.09 -35.89
CA THR B 157 -1.61 -26.33 -35.91
C THR B 157 -1.78 -27.09 -37.23
N LYS B 158 -2.81 -26.74 -38.00
CA LYS B 158 -3.16 -27.44 -39.24
C LYS B 158 -3.64 -28.86 -38.98
N GLN B 159 -3.94 -29.19 -37.72
CA GLN B 159 -4.61 -30.44 -37.40
C GLN B 159 -6.11 -30.29 -37.68
N SER B 160 -6.76 -31.43 -37.90
CA SER B 160 -8.21 -31.43 -38.04
C SER B 160 -8.86 -31.27 -36.67
N LEU B 161 -10.15 -30.94 -36.69
CA LEU B 161 -10.86 -30.69 -35.44
C LEU B 161 -10.88 -31.93 -34.55
N GLN B 162 -11.16 -33.10 -35.13
CA GLN B 162 -11.24 -34.32 -34.33
C GLN B 162 -9.93 -34.58 -33.60
N VAL B 163 -8.79 -34.29 -34.22
CA VAL B 163 -7.50 -34.44 -33.56
C VAL B 163 -7.39 -33.47 -32.39
N ILE B 164 -7.79 -32.21 -32.61
CA ILE B 164 -7.73 -31.22 -31.55
C ILE B 164 -8.60 -31.63 -30.37
N GLU B 165 -9.86 -32.00 -30.67
CA GLU B 165 -10.79 -32.35 -29.60
C GLU B 165 -10.28 -33.53 -28.77
N SER B 166 -9.76 -34.56 -29.45
CA SER B 166 -9.26 -35.73 -28.72
C SER B 166 -8.00 -35.38 -27.93
N ALA B 167 -7.12 -34.57 -28.51
CA ALA B 167 -5.88 -34.22 -27.82
C ALA B 167 -6.16 -33.36 -26.59
N MET B 168 -7.07 -32.40 -26.71
CA MET B 168 -7.41 -31.56 -25.57
C MET B 168 -8.14 -32.35 -24.48
N GLU B 169 -8.59 -33.56 -24.77
CA GLU B 169 -9.19 -34.40 -23.74
C GLU B 169 -8.14 -34.96 -22.79
N ARG B 170 -6.91 -35.14 -23.27
CA ARG B 170 -5.85 -35.72 -22.46
C ARG B 170 -5.32 -34.68 -21.48
N ASP B 171 -5.34 -35.02 -20.19
CA ASP B 171 -4.85 -34.14 -19.13
C ASP B 171 -3.35 -34.34 -19.00
N ARG B 172 -2.61 -33.72 -19.92
CA ARG B 172 -1.17 -33.95 -20.01
C ARG B 172 -0.47 -32.72 -20.56
N TYR B 173 0.85 -32.71 -20.39
CA TYR B 173 1.73 -31.70 -20.97
C TYR B 173 2.56 -32.32 -22.08
N MET B 174 2.91 -31.50 -23.06
CA MET B 174 3.82 -31.90 -24.13
C MET B 174 5.20 -31.32 -23.88
N SER B 175 6.21 -32.01 -24.38
CA SER B 175 7.54 -31.44 -24.49
C SER B 175 7.56 -30.46 -25.65
N PRO B 176 8.61 -29.64 -25.76
CA PRO B 176 8.71 -28.77 -26.95
C PRO B 176 8.74 -29.54 -28.25
N MET B 177 9.35 -30.73 -28.26
CA MET B 177 9.49 -31.46 -29.52
C MET B 177 8.16 -32.06 -29.98
N GLU B 178 7.33 -32.53 -29.05
CA GLU B 178 6.01 -33.01 -29.46
C GLU B 178 5.09 -31.85 -29.78
N ALA B 179 5.27 -30.71 -29.13
CA ALA B 179 4.55 -29.51 -29.52
C ALA B 179 4.88 -29.13 -30.96
N GLN B 180 6.14 -29.34 -31.36
CA GLN B 180 6.53 -29.03 -32.74
C GLN B 180 5.88 -29.97 -33.72
N GLU B 181 5.92 -31.29 -33.46
CA GLU B 181 5.32 -32.24 -34.39
C GLU B 181 3.80 -32.14 -34.41
N PHE B 182 3.20 -31.55 -33.36
CA PHE B 182 1.76 -31.35 -33.34
C PHE B 182 1.35 -30.06 -34.06
N GLY B 183 2.28 -29.14 -34.26
CA GLY B 183 2.00 -27.88 -34.93
C GLY B 183 1.77 -26.69 -34.02
N ILE B 184 2.12 -26.80 -32.74
CA ILE B 184 1.96 -25.66 -31.83
C ILE B 184 3.09 -24.67 -32.04
N LEU B 185 4.33 -25.15 -32.19
CA LEU B 185 5.48 -24.29 -32.39
C LEU B 185 6.31 -24.84 -33.54
N ASP B 186 7.31 -24.06 -33.95
CA ASP B 186 8.11 -24.38 -35.12
C ASP B 186 9.56 -24.71 -34.81
N LYS B 187 10.14 -24.12 -33.78
CA LYS B 187 11.56 -24.27 -33.48
C LYS B 187 11.76 -24.50 -31.99
N VAL B 188 12.68 -25.40 -31.66
CA VAL B 188 13.13 -25.60 -30.29
C VAL B 188 14.59 -25.19 -30.24
N LEU B 189 14.84 -24.03 -29.63
CA LEU B 189 16.18 -23.44 -29.60
C LEU B 189 16.85 -23.74 -28.27
N VAL B 190 18.16 -23.99 -28.31
CA VAL B 190 18.98 -24.15 -27.12
C VAL B 190 19.94 -22.99 -26.95
N HIS B 191 20.55 -22.52 -28.02
CA HIS B 191 21.48 -21.41 -28.04
C HIS B 191 21.14 -20.50 -29.21
N PRO B 192 21.72 -19.30 -29.26
CA PRO B 192 21.39 -18.40 -30.37
C PRO B 192 21.94 -18.88 -31.70
N SER C 1 -1.47 -4.96 -12.46
CA SER C 1 -0.17 -5.13 -13.09
C SER C 1 0.67 -3.86 -12.97
N LEU C 2 1.94 -3.95 -13.34
CA LEU C 2 2.87 -2.82 -13.25
C LEU C 2 2.87 -2.10 -14.60
N ILE C 3 2.22 -0.94 -14.64
CA ILE C 3 2.03 -0.20 -15.88
C ILE C 3 3.39 0.26 -16.41
N PRO C 4 3.77 -0.11 -17.62
CA PRO C 4 5.07 0.34 -18.15
C PRO C 4 5.00 1.75 -18.72
N ILE C 5 6.17 2.26 -19.09
CA ILE C 5 6.32 3.61 -19.59
C ILE C 5 6.88 3.54 -21.01
N VAL C 6 6.44 4.47 -21.86
CA VAL C 6 6.91 4.58 -23.23
C VAL C 6 7.39 5.99 -23.48
N VAL C 7 8.17 6.15 -24.53
CA VAL C 7 8.71 7.46 -24.90
C VAL C 7 8.41 7.75 -26.37
N ASP C 18 3.79 6.34 -19.38
CA ASP C 18 2.62 5.53 -19.04
C ASP C 18 1.89 5.11 -20.31
N ILE C 19 1.59 3.81 -20.42
CA ILE C 19 0.97 3.29 -21.63
C ILE C 19 -0.48 3.75 -21.73
N TYR C 20 -1.20 3.78 -20.60
CA TYR C 20 -2.61 4.17 -20.66
C TYR C 20 -2.77 5.66 -20.91
N SER C 21 -1.78 6.46 -20.52
CA SER C 21 -1.82 7.88 -20.89
C SER C 21 -1.47 8.07 -22.35
N ARG C 22 -0.67 7.18 -22.92
CA ARG C 22 -0.43 7.20 -24.36
C ARG C 22 -1.72 6.91 -25.12
N LEU C 23 -2.49 5.94 -24.66
CA LEU C 23 -3.78 5.65 -25.28
C LEU C 23 -4.71 6.84 -25.22
N LEU C 24 -4.74 7.53 -24.07
CA LEU C 24 -5.59 8.71 -23.95
C LEU C 24 -5.16 9.81 -24.91
N ARG C 25 -3.85 9.93 -25.17
CA ARG C 25 -3.41 10.88 -26.19
C ARG C 25 -3.88 10.48 -27.57
N GLU C 26 -4.16 9.19 -27.78
CA GLU C 26 -4.82 8.72 -29.00
C GLU C 26 -6.33 8.93 -28.95
N ARG C 27 -6.85 9.50 -27.87
CA ARG C 27 -8.29 9.67 -27.69
C ARG C 27 -8.99 8.33 -27.48
N ILE C 28 -8.28 7.37 -26.88
CA ILE C 28 -8.83 6.07 -26.51
C ILE C 28 -9.16 6.10 -25.03
N VAL C 29 -10.41 5.75 -24.70
CA VAL C 29 -10.85 5.59 -23.31
C VAL C 29 -11.15 4.11 -23.09
N CYS C 30 -10.66 3.57 -21.99
CA CYS C 30 -10.74 2.14 -21.72
C CYS C 30 -11.81 1.85 -20.69
N VAL C 31 -12.71 0.92 -21.02
CA VAL C 31 -13.67 0.36 -20.07
C VAL C 31 -13.39 -1.13 -20.02
N MET C 32 -12.29 -1.51 -19.37
CA MET C 32 -11.71 -2.85 -19.48
C MET C 32 -11.88 -3.67 -18.21
N GLY C 33 -12.99 -3.50 -17.52
CA GLY C 33 -13.29 -4.29 -16.34
C GLY C 33 -14.72 -4.07 -15.88
N PRO C 34 -15.06 -4.60 -14.71
CA PRO C 34 -16.39 -4.32 -14.16
C PRO C 34 -16.57 -2.82 -13.92
N ILE C 35 -17.80 -2.37 -14.13
CA ILE C 35 -18.12 -0.95 -14.05
C ILE C 35 -18.63 -0.64 -12.64
N ASP C 36 -18.07 0.40 -12.03
CA ASP C 36 -18.56 0.92 -10.77
C ASP C 36 -18.44 2.44 -10.80
N ASP C 37 -18.86 3.09 -9.73
CA ASP C 37 -18.82 4.56 -9.67
C ASP C 37 -17.41 5.08 -9.88
N SER C 38 -16.40 4.33 -9.44
CA SER C 38 -15.02 4.76 -9.65
C SER C 38 -14.66 4.78 -11.13
N VAL C 39 -14.98 3.69 -11.85
CA VAL C 39 -14.72 3.63 -13.28
C VAL C 39 -15.46 4.75 -14.00
N ALA C 40 -16.75 4.90 -13.69
CA ALA C 40 -17.55 5.92 -14.37
C ALA C 40 -16.96 7.31 -14.16
N SER C 41 -16.60 7.64 -12.92
CA SER C 41 -15.97 8.93 -12.64
C SER C 41 -14.77 9.15 -13.55
N LEU C 42 -13.93 8.14 -13.69
CA LEU C 42 -12.72 8.27 -14.50
C LEU C 42 -13.05 8.37 -15.98
N VAL C 43 -13.95 7.49 -16.46
CA VAL C 43 -14.31 7.51 -17.87
C VAL C 43 -14.96 8.84 -18.24
N ILE C 44 -15.86 9.33 -17.38
CA ILE C 44 -16.54 10.59 -17.66
C ILE C 44 -15.52 11.72 -17.74
N ALA C 45 -14.61 11.78 -16.76
CA ALA C 45 -13.59 12.82 -16.78
C ALA C 45 -12.79 12.78 -18.08
N GLN C 46 -12.45 11.58 -18.55
CA GLN C 46 -11.70 11.45 -19.79
C GLN C 46 -12.53 11.92 -20.98
N LEU C 47 -13.82 11.58 -21.01
CA LEU C 47 -14.66 11.97 -22.14
C LEU C 47 -14.81 13.49 -22.22
N LEU C 48 -15.04 14.14 -21.08
CA LEU C 48 -15.17 15.59 -21.09
C LEU C 48 -13.86 16.28 -21.43
N PHE C 49 -12.73 15.70 -21.00
CA PHE C 49 -11.44 16.27 -21.36
C PHE C 49 -11.18 16.16 -22.86
N LEU C 50 -11.45 14.99 -23.45
CA LEU C 50 -11.22 14.81 -24.87
C LEU C 50 -12.13 15.70 -25.71
N GLN C 51 -13.36 15.94 -25.26
CA GLN C 51 -14.25 16.86 -25.98
C GLN C 51 -13.63 18.24 -26.08
N SER C 52 -12.94 18.68 -25.02
CA SER C 52 -12.35 20.01 -25.03
C SER C 52 -11.11 20.08 -25.91
N GLU C 53 -10.36 18.98 -26.00
CA GLU C 53 -9.26 18.92 -26.95
C GLU C 53 -9.77 19.13 -28.36
N SER C 54 -10.95 18.58 -28.67
CA SER C 54 -11.61 18.80 -29.95
C SER C 54 -13.07 18.36 -29.86
N ASN C 55 -14.00 19.28 -30.17
CA ASN C 55 -15.41 18.97 -30.08
C ASN C 55 -15.86 17.93 -31.10
N LYS C 56 -15.15 17.78 -32.20
CA LYS C 56 -15.60 16.98 -33.32
C LYS C 56 -14.73 15.77 -33.63
N LYS C 57 -13.51 15.72 -33.12
CA LYS C 57 -12.63 14.59 -33.45
C LYS C 57 -13.18 13.32 -32.81
N PRO C 58 -13.23 12.21 -33.53
CA PRO C 58 -13.78 10.98 -32.93
C PRO C 58 -13.05 10.54 -31.68
N ILE C 59 -13.80 9.98 -30.73
CA ILE C 59 -13.25 9.33 -29.55
C ILE C 59 -13.42 7.83 -29.73
N HIS C 60 -12.48 7.06 -29.18
CA HIS C 60 -12.50 5.61 -29.27
C HIS C 60 -12.62 5.03 -27.87
N MET C 61 -13.52 4.05 -27.72
CA MET C 61 -13.80 3.43 -26.44
C MET C 61 -13.59 1.92 -26.56
N TYR C 62 -12.61 1.41 -25.82
CA TYR C 62 -12.33 -0.02 -25.78
C TYR C 62 -13.13 -0.66 -24.65
N ILE C 63 -13.95 -1.65 -24.97
CA ILE C 63 -14.86 -2.28 -24.02
C ILE C 63 -14.49 -3.74 -23.87
N ASN C 64 -14.04 -4.11 -22.66
CA ASN C 64 -13.88 -5.51 -22.25
C ASN C 64 -14.40 -5.57 -20.81
N SER C 65 -15.71 -5.74 -20.68
CA SER C 65 -16.37 -5.59 -19.40
C SER C 65 -17.46 -6.64 -19.20
N PRO C 66 -17.56 -7.22 -18.00
CA PRO C 66 -18.67 -8.14 -17.70
C PRO C 66 -19.94 -7.46 -17.22
N GLY C 67 -19.91 -6.14 -17.04
CA GLY C 67 -21.05 -5.41 -16.51
C GLY C 67 -20.69 -4.62 -15.28
N GLY C 68 -21.69 -4.20 -14.51
CA GLY C 68 -21.44 -3.45 -13.30
C GLY C 68 -22.69 -2.73 -12.84
N VAL C 69 -22.47 -1.69 -12.02
CA VAL C 69 -23.57 -0.94 -11.45
C VAL C 69 -24.35 -0.27 -12.58
N VAL C 70 -25.67 -0.41 -12.52
CA VAL C 70 -26.53 0.14 -13.58
C VAL C 70 -26.40 1.66 -13.65
N THR C 71 -26.53 2.32 -12.49
CA THR C 71 -26.48 3.78 -12.48
C THR C 71 -25.11 4.30 -12.93
N ALA C 72 -24.04 3.59 -12.57
CA ALA C 72 -22.73 3.96 -13.07
C ALA C 72 -22.67 3.80 -14.59
N GLY C 73 -23.24 2.72 -15.12
CA GLY C 73 -23.28 2.53 -16.55
C GLY C 73 -24.09 3.59 -17.26
N LEU C 74 -25.25 3.94 -16.70
CA LEU C 74 -26.06 5.00 -17.30
C LEU C 74 -25.37 6.35 -17.19
N ALA C 75 -24.56 6.56 -16.15
CA ALA C 75 -23.76 7.77 -16.07
C ALA C 75 -22.85 7.90 -17.27
N ILE C 76 -22.10 6.84 -17.58
CA ILE C 76 -21.24 6.85 -18.76
C ILE C 76 -22.07 7.03 -20.03
N TYR C 77 -23.21 6.33 -20.12
CA TYR C 77 -24.03 6.42 -21.31
C TYR C 77 -24.51 7.85 -21.52
N ASP C 78 -24.97 8.51 -20.46
CA ASP C 78 -25.45 9.88 -20.59
C ASP C 78 -24.32 10.82 -21.03
N THR C 79 -23.12 10.60 -20.52
CA THR C 79 -21.98 11.38 -20.95
C THR C 79 -21.67 11.13 -22.42
N MET C 80 -21.76 9.87 -22.85
CA MET C 80 -21.53 9.55 -24.26
C MET C 80 -22.50 10.30 -25.16
N GLN C 81 -23.78 10.35 -24.78
CA GLN C 81 -24.76 11.07 -25.56
C GLN C 81 -24.65 12.57 -25.39
N TYR C 82 -24.04 13.04 -24.31
CA TYR C 82 -23.93 14.47 -24.07
C TYR C 82 -22.89 15.11 -24.97
N ILE C 83 -21.69 14.53 -25.03
CA ILE C 83 -20.58 15.17 -25.73
C ILE C 83 -20.86 15.22 -27.23
N LEU C 84 -20.27 16.21 -27.90
CA LEU C 84 -20.49 16.39 -29.32
C LEU C 84 -19.68 15.41 -30.16
N ASN C 85 -18.68 14.75 -29.57
CA ASN C 85 -17.79 13.92 -30.37
C ASN C 85 -18.52 12.67 -30.85
N PRO C 86 -18.24 12.22 -32.08
CA PRO C 86 -18.57 10.83 -32.41
C PRO C 86 -17.70 9.89 -31.59
N ILE C 87 -18.29 8.75 -31.21
CA ILE C 87 -17.61 7.77 -30.37
C ILE C 87 -17.59 6.44 -31.11
N CYS C 88 -16.38 5.93 -31.35
CA CYS C 88 -16.21 4.58 -31.87
C CYS C 88 -16.11 3.60 -30.70
N THR C 89 -16.97 2.59 -30.70
CA THR C 89 -16.91 1.54 -29.70
C THR C 89 -16.26 0.31 -30.30
N TRP C 90 -15.43 -0.35 -29.49
CA TRP C 90 -14.68 -1.52 -29.91
C TRP C 90 -14.79 -2.58 -28.82
N CYS C 91 -15.52 -3.66 -29.11
CA CYS C 91 -15.66 -4.76 -28.17
C CYS C 91 -14.49 -5.71 -28.35
N VAL C 92 -13.74 -5.93 -27.27
CA VAL C 92 -12.63 -6.86 -27.26
C VAL C 92 -12.77 -7.72 -26.01
N GLY C 93 -12.69 -9.05 -26.17
CA GLY C 93 -12.95 -9.95 -25.07
C GLY C 93 -14.43 -10.22 -24.90
N GLN C 94 -15.14 -9.30 -24.24
CA GLN C 94 -16.58 -9.46 -24.06
C GLN C 94 -17.20 -8.11 -23.75
N ALA C 95 -18.53 -8.04 -23.93
CA ALA C 95 -19.33 -6.89 -23.52
C ALA C 95 -20.64 -7.45 -22.98
N ALA C 96 -20.75 -7.55 -21.65
CA ALA C 96 -21.89 -8.17 -21.00
C ALA C 96 -22.69 -7.13 -20.23
N SER C 97 -24.02 -7.30 -20.24
CA SER C 97 -24.94 -6.37 -19.59
C SER C 97 -24.57 -4.93 -19.89
N MET C 98 -24.30 -4.13 -18.85
CA MET C 98 -24.04 -2.71 -19.08
C MET C 98 -22.91 -2.49 -20.06
N GLY C 99 -21.96 -3.43 -20.14
CA GLY C 99 -20.93 -3.33 -21.16
C GLY C 99 -21.50 -3.30 -22.56
N SER C 100 -22.45 -4.20 -22.85
CA SER C 100 -23.04 -4.25 -24.18
C SER C 100 -23.90 -3.01 -24.44
N LEU C 101 -24.44 -2.39 -23.39
CA LEU C 101 -25.18 -1.15 -23.58
C LEU C 101 -24.25 -0.03 -24.05
N LEU C 102 -23.07 0.08 -23.44
CA LEU C 102 -22.10 1.08 -23.89
C LEU C 102 -21.64 0.79 -25.31
N LEU C 103 -21.35 -0.47 -25.62
CA LEU C 103 -20.99 -0.86 -26.98
C LEU C 103 -22.06 -0.40 -27.97
N ALA C 104 -23.33 -0.67 -27.64
CA ALA C 104 -24.42 -0.34 -28.54
C ALA C 104 -24.69 1.15 -28.62
N ALA C 105 -24.16 1.94 -27.69
CA ALA C 105 -24.45 3.37 -27.64
C ALA C 105 -23.52 4.20 -28.52
N GLY C 106 -22.54 3.58 -29.16
CA GLY C 106 -21.66 4.30 -30.07
C GLY C 106 -22.43 4.93 -31.23
N THR C 107 -21.72 5.75 -31.99
CA THR C 107 -22.33 6.41 -33.13
C THR C 107 -22.74 5.39 -34.17
N PRO C 108 -23.93 5.50 -34.76
CA PRO C 108 -24.33 4.54 -35.80
C PRO C 108 -23.26 4.38 -36.87
N GLY C 109 -22.89 3.13 -37.15
CA GLY C 109 -21.88 2.82 -38.12
C GLY C 109 -20.47 2.74 -37.56
N MET C 110 -20.27 3.09 -36.30
CA MET C 110 -18.93 3.13 -35.71
C MET C 110 -18.84 2.22 -34.49
N ARG C 111 -19.68 1.18 -34.45
CA ARG C 111 -19.69 0.21 -33.36
C ARG C 111 -19.07 -1.08 -33.85
N HIS C 112 -17.98 -1.51 -33.21
CA HIS C 112 -17.16 -2.60 -33.72
C HIS C 112 -16.99 -3.69 -32.68
N SER C 113 -16.56 -4.86 -33.16
CA SER C 113 -16.12 -5.95 -32.31
C SER C 113 -15.05 -6.73 -33.05
N LEU C 114 -14.14 -7.32 -32.30
CA LEU C 114 -13.17 -8.25 -32.85
C LEU C 114 -13.85 -9.60 -33.05
N PRO C 115 -13.21 -10.52 -33.79
CA PRO C 115 -13.94 -11.71 -34.26
C PRO C 115 -14.37 -12.68 -33.16
N ASN C 116 -13.63 -12.78 -32.06
CA ASN C 116 -13.90 -13.79 -31.04
C ASN C 116 -14.55 -13.23 -29.78
N SER C 117 -15.03 -11.99 -29.82
CA SER C 117 -15.66 -11.41 -28.65
C SER C 117 -17.03 -12.05 -28.39
N ARG C 118 -17.51 -11.89 -27.16
CA ARG C 118 -18.82 -12.39 -26.74
C ARG C 118 -19.65 -11.22 -26.23
N ILE C 119 -20.87 -11.11 -26.71
CA ILE C 119 -21.77 -10.01 -26.37
C ILE C 119 -22.99 -10.59 -25.66
N MET C 120 -23.38 -9.98 -24.54
CA MET C 120 -24.57 -10.39 -23.80
C MET C 120 -25.33 -9.16 -23.35
N ILE C 121 -26.62 -9.10 -23.71
CA ILE C 121 -27.52 -8.06 -23.24
C ILE C 121 -28.36 -8.51 -22.06
N HIS C 122 -28.41 -9.81 -21.78
CA HIS C 122 -29.07 -10.31 -20.58
C HIS C 122 -28.43 -9.69 -19.34
N GLN C 123 -29.27 -9.26 -18.40
CA GLN C 123 -28.78 -8.69 -17.15
C GLN C 123 -28.62 -9.78 -16.09
N PRO C 124 -27.68 -9.63 -15.16
CA PRO C 124 -27.54 -10.60 -14.08
C PRO C 124 -28.62 -10.40 -13.01
N SER C 125 -28.67 -11.35 -12.08
CA SER C 125 -29.66 -11.33 -11.02
C SER C 125 -29.17 -10.62 -9.76
N GLY C 126 -27.89 -10.33 -9.66
CA GLY C 126 -27.34 -9.63 -8.51
C GLY C 126 -26.35 -8.55 -8.91
N ALA C 132 -23.81 -4.00 -9.11
CA ALA C 132 -25.19 -4.02 -9.57
C ALA C 132 -26.03 -3.06 -8.75
N THR C 133 -25.82 -3.07 -7.44
CA THR C 133 -26.63 -2.29 -6.51
C THR C 133 -25.71 -1.48 -5.61
N ASP C 134 -25.65 -0.17 -5.82
CA ASP C 134 -24.98 0.71 -4.87
C ASP C 134 -25.64 0.60 -3.49
N ILE C 135 -26.95 0.88 -3.43
CA ILE C 135 -27.75 0.72 -2.23
C ILE C 135 -28.97 -0.10 -2.58
N ALA C 136 -29.34 -1.03 -1.69
CA ALA C 136 -30.49 -1.89 -1.95
C ALA C 136 -31.72 -1.05 -2.25
N ILE C 137 -32.55 -1.54 -3.18
CA ILE C 137 -33.66 -0.77 -3.71
C ILE C 137 -34.93 -1.62 -3.70
N GLN C 138 -36.06 -0.95 -3.90
CA GLN C 138 -37.36 -1.59 -3.92
C GLN C 138 -37.61 -2.27 -5.27
N ALA C 139 -38.70 -3.04 -5.33
CA ALA C 139 -39.02 -3.79 -6.54
C ALA C 139 -39.42 -2.86 -7.68
N GLU C 140 -40.24 -1.85 -7.39
CA GLU C 140 -40.65 -0.91 -8.43
C GLU C 140 -39.44 -0.21 -9.04
N GLU C 141 -38.43 0.11 -8.22
CA GLU C 141 -37.27 0.84 -8.73
C GLU C 141 -36.47 -0.02 -9.70
N ILE C 142 -36.19 -1.27 -9.32
CA ILE C 142 -35.39 -2.12 -10.19
C ILE C 142 -36.10 -2.37 -11.51
N MET C 143 -37.44 -2.32 -11.53
CA MET C 143 -38.14 -2.41 -12.80
C MET C 143 -38.05 -1.10 -13.57
N LYS C 144 -38.09 0.03 -12.88
CA LYS C 144 -37.88 1.32 -13.53
C LYS C 144 -36.55 1.32 -14.28
N LEU C 145 -35.47 0.91 -13.60
CA LEU C 145 -34.17 0.82 -14.26
C LEU C 145 -34.23 -0.13 -15.44
N LYS C 146 -34.82 -1.30 -15.26
CA LYS C 146 -34.93 -2.27 -16.35
C LYS C 146 -35.62 -1.64 -17.55
N LYS C 147 -36.71 -0.89 -17.31
CA LYS C 147 -37.40 -0.23 -18.41
C LYS C 147 -36.49 0.78 -19.10
N GLN C 148 -35.64 1.47 -18.34
CA GLN C 148 -34.70 2.40 -18.96
C GLN C 148 -33.71 1.68 -19.86
N LEU C 149 -33.25 0.49 -19.43
CA LEU C 149 -32.38 -0.30 -20.30
C LEU C 149 -33.11 -0.75 -21.55
N TYR C 150 -34.37 -1.19 -21.40
CA TYR C 150 -35.17 -1.56 -22.56
C TYR C 150 -35.23 -0.42 -23.58
N ASN C 151 -35.55 0.79 -23.11
CA ASN C 151 -35.70 1.92 -24.02
C ASN C 151 -34.37 2.25 -24.71
N ILE C 152 -33.27 2.18 -23.97
CA ILE C 152 -31.96 2.50 -24.55
C ILE C 152 -31.61 1.47 -25.62
N TYR C 153 -31.70 0.18 -25.28
CA TYR C 153 -31.41 -0.86 -26.27
C TYR C 153 -32.32 -0.72 -27.49
N ALA C 154 -33.60 -0.42 -27.28
CA ALA C 154 -34.51 -0.23 -28.40
C ALA C 154 -34.05 0.91 -29.30
N LYS C 155 -33.71 2.05 -28.69
CA LYS C 155 -33.29 3.22 -29.45
C LYS C 155 -32.11 2.91 -30.36
N HIS C 156 -31.12 2.18 -29.85
CA HIS C 156 -29.86 2.02 -30.56
C HIS C 156 -29.81 0.78 -31.45
N THR C 157 -30.57 -0.26 -31.13
CA THR C 157 -30.65 -1.42 -32.01
C THR C 157 -31.73 -1.27 -33.07
N LYS C 158 -32.69 -0.38 -32.87
CA LYS C 158 -33.85 -0.20 -33.74
C LYS C 158 -34.77 -1.42 -33.72
N GLN C 159 -34.67 -2.23 -32.67
CA GLN C 159 -35.63 -3.30 -32.42
C GLN C 159 -36.79 -2.76 -31.60
N SER C 160 -37.91 -3.47 -31.68
CA SER C 160 -39.06 -3.11 -30.86
C SER C 160 -38.79 -3.42 -29.39
N LEU C 161 -39.50 -2.71 -28.51
CA LEU C 161 -39.40 -3.02 -27.09
C LEU C 161 -39.68 -4.49 -26.82
N GLN C 162 -40.71 -5.03 -27.46
N GLN C 162 -40.70 -5.04 -27.46
CA GLN C 162 -41.06 -6.43 -27.27
CA GLN C 162 -41.04 -6.44 -27.22
C GLN C 162 -39.88 -7.34 -27.60
C GLN C 162 -39.88 -7.36 -27.60
N VAL C 163 -39.23 -7.10 -28.73
CA VAL C 163 -38.07 -7.90 -29.13
C VAL C 163 -36.97 -7.78 -28.08
N ILE C 164 -36.73 -6.56 -27.59
CA ILE C 164 -35.67 -6.35 -26.59
C ILE C 164 -36.02 -7.11 -25.31
N GLU C 165 -37.27 -6.98 -24.86
CA GLU C 165 -37.67 -7.62 -23.61
C GLU C 165 -37.47 -9.13 -23.67
N SER C 166 -37.84 -9.75 -24.80
CA SER C 166 -37.69 -11.20 -24.92
C SER C 166 -36.23 -11.61 -25.00
N ALA C 167 -35.44 -10.89 -25.79
CA ALA C 167 -34.03 -11.26 -25.95
C ALA C 167 -33.28 -11.20 -24.64
N MET C 168 -33.58 -10.20 -23.80
CA MET C 168 -32.89 -10.05 -22.54
C MET C 168 -33.32 -11.09 -21.50
N GLU C 169 -34.37 -11.86 -21.78
CA GLU C 169 -34.68 -13.01 -20.93
C GLU C 169 -33.68 -14.14 -21.16
N ARG C 170 -33.27 -14.33 -22.40
CA ARG C 170 -32.40 -15.45 -22.76
C ARG C 170 -31.02 -15.25 -22.16
N ASP C 171 -30.68 -16.10 -21.18
CA ASP C 171 -29.38 -16.06 -20.52
C ASP C 171 -28.36 -16.70 -21.45
N ARG C 172 -27.78 -15.90 -22.33
CA ARG C 172 -26.87 -16.40 -23.35
C ARG C 172 -25.97 -15.27 -23.84
N TYR C 173 -24.97 -15.65 -24.62
CA TYR C 173 -24.06 -14.72 -25.27
C TYR C 173 -24.26 -14.78 -26.78
N MET C 174 -24.01 -13.64 -27.44
CA MET C 174 -24.07 -13.55 -28.89
C MET C 174 -22.66 -13.55 -29.48
N SER C 175 -22.56 -14.02 -30.71
CA SER C 175 -21.34 -13.83 -31.48
C SER C 175 -21.33 -12.42 -32.07
N PRO C 176 -20.17 -11.92 -32.49
CA PRO C 176 -20.15 -10.59 -33.12
C PRO C 176 -21.09 -10.47 -34.30
N MET C 177 -21.14 -11.48 -35.16
CA MET C 177 -22.04 -11.41 -36.32
C MET C 177 -23.51 -11.46 -35.88
N GLU C 178 -23.82 -12.18 -34.81
CA GLU C 178 -25.18 -12.20 -34.32
C GLU C 178 -25.54 -10.88 -33.65
N ALA C 179 -24.58 -10.22 -33.01
CA ALA C 179 -24.81 -8.88 -32.47
C ALA C 179 -24.95 -7.87 -33.58
N GLN C 180 -24.28 -8.07 -34.71
CA GLN C 180 -24.42 -7.16 -35.84
C GLN C 180 -25.85 -7.21 -36.40
N GLU C 181 -26.36 -8.41 -36.65
CA GLU C 181 -27.70 -8.54 -37.23
C GLU C 181 -28.79 -8.17 -36.22
N PHE C 182 -28.49 -8.17 -34.92
CA PHE C 182 -29.45 -7.72 -33.93
C PHE C 182 -29.47 -6.20 -33.81
N GLY C 183 -28.40 -5.52 -34.21
CA GLY C 183 -28.32 -4.08 -34.12
C GLY C 183 -27.43 -3.55 -33.02
N ILE C 184 -26.70 -4.43 -32.32
CA ILE C 184 -25.81 -3.98 -31.25
C ILE C 184 -24.56 -3.32 -31.82
N LEU C 185 -24.04 -3.83 -32.93
CA LEU C 185 -22.85 -3.29 -33.55
C LEU C 185 -23.03 -3.27 -35.05
N ASP C 186 -22.10 -2.59 -35.73
CA ASP C 186 -22.18 -2.38 -37.16
C ASP C 186 -21.14 -3.15 -37.97
N LYS C 187 -19.96 -3.40 -37.40
CA LYS C 187 -18.88 -4.03 -38.15
C LYS C 187 -18.13 -5.03 -37.27
N VAL C 188 -17.80 -6.17 -37.86
CA VAL C 188 -16.88 -7.14 -37.26
C VAL C 188 -15.69 -7.24 -38.20
N LEU C 189 -14.50 -6.95 -37.69
CA LEU C 189 -13.30 -6.88 -38.51
C LEU C 189 -12.18 -7.69 -37.91
N VAL C 190 -11.34 -8.23 -38.79
CA VAL C 190 -10.22 -9.09 -38.41
C VAL C 190 -8.90 -8.34 -38.44
N HIS C 191 -8.72 -7.48 -39.44
CA HIS C 191 -7.48 -6.75 -39.67
C HIS C 191 -7.81 -5.28 -39.92
N PRO C 192 -6.79 -4.42 -39.97
CA PRO C 192 -7.04 -2.99 -40.19
C PRO C 192 -7.77 -2.77 -41.50
N PRO C 193 -8.96 -2.12 -41.45
CA PRO C 193 -9.69 -1.85 -42.71
C PRO C 193 -8.87 -1.00 -43.68
N SER D 1 -6.93 4.18 -9.44
CA SER D 1 -5.66 3.47 -9.32
C SER D 1 -4.68 3.94 -10.38
N LEU D 2 -5.04 3.75 -11.65
CA LEU D 2 -4.22 4.17 -12.77
C LEU D 2 -4.84 5.45 -13.33
N ILE D 3 -4.52 6.57 -12.69
CA ILE D 3 -5.07 7.87 -13.05
C ILE D 3 -4.19 8.44 -14.16
N PRO D 4 -4.73 8.72 -15.34
CA PRO D 4 -3.90 9.19 -16.45
C PRO D 4 -3.49 10.63 -16.30
N ILE D 5 -2.36 10.97 -16.91
CA ILE D 5 -1.83 12.33 -16.90
C ILE D 5 -2.26 13.05 -18.16
N VAL D 6 -2.59 14.32 -18.04
CA VAL D 6 -2.92 15.17 -19.18
C VAL D 6 -1.87 16.28 -19.23
N VAL D 7 -1.25 16.45 -20.39
CA VAL D 7 -0.17 17.42 -20.54
C VAL D 7 -0.72 18.83 -20.32
N ASP D 18 -2.72 14.91 -14.73
CA ASP D 18 -3.61 14.47 -13.66
C ASP D 18 -5.05 14.90 -13.99
N ILE D 19 -5.89 13.93 -14.34
CA ILE D 19 -7.21 14.25 -14.88
C ILE D 19 -8.06 14.97 -13.85
N TYR D 20 -7.99 14.54 -12.59
CA TYR D 20 -8.85 15.14 -11.57
C TYR D 20 -8.38 16.53 -11.19
N SER D 21 -7.08 16.82 -11.34
N SER D 21 -7.09 16.82 -11.35
CA SER D 21 -6.63 18.19 -11.19
CA SER D 21 -6.63 18.19 -11.18
C SER D 21 -7.06 19.05 -12.36
C SER D 21 -7.04 19.06 -12.36
N ARG D 22 -7.17 18.46 -13.55
CA ARG D 22 -7.67 19.19 -14.70
C ARG D 22 -9.10 19.66 -14.46
N LEU D 23 -9.94 18.81 -13.88
CA LEU D 23 -11.30 19.22 -13.54
C LEU D 23 -11.28 20.38 -12.56
N LEU D 24 -10.38 20.35 -11.58
CA LEU D 24 -10.31 21.43 -10.61
C LEU D 24 -9.90 22.74 -11.27
N ARG D 25 -9.07 22.68 -12.31
CA ARG D 25 -8.78 23.88 -13.09
C ARG D 25 -10.04 24.43 -13.72
N GLU D 26 -10.94 23.54 -14.14
CA GLU D 26 -12.24 23.94 -14.68
C GLU D 26 -13.21 24.39 -13.60
N ARG D 27 -12.80 24.42 -12.34
CA ARG D 27 -13.66 24.78 -11.22
C ARG D 27 -14.75 23.73 -11.00
N ILE D 28 -14.42 22.48 -11.26
CA ILE D 28 -15.34 21.36 -11.06
C ILE D 28 -14.92 20.64 -9.78
N VAL D 29 -15.86 20.49 -8.85
CA VAL D 29 -15.67 19.67 -7.66
C VAL D 29 -16.52 18.42 -7.82
N CYS D 30 -16.00 17.28 -7.37
CA CYS D 30 -16.66 15.99 -7.53
C CYS D 30 -17.12 15.47 -6.18
N VAL D 31 -18.41 15.16 -6.08
CA VAL D 31 -18.96 14.36 -5.00
C VAL D 31 -19.39 13.04 -5.62
N MET D 32 -18.42 12.25 -6.05
CA MET D 32 -18.63 11.15 -6.98
C MET D 32 -18.72 9.80 -6.29
N GLY D 33 -18.97 9.77 -4.99
CA GLY D 33 -19.12 8.54 -4.25
C GLY D 33 -19.86 8.76 -2.96
N PRO D 34 -19.84 7.76 -2.07
CA PRO D 34 -20.45 7.96 -0.74
C PRO D 34 -19.77 9.08 0.01
N ILE D 35 -20.54 9.74 0.88
CA ILE D 35 -20.10 10.94 1.57
C ILE D 35 -19.70 10.58 2.98
N ASP D 36 -18.46 10.89 3.36
CA ASP D 36 -17.97 10.75 4.72
C ASP D 36 -17.11 11.97 5.04
N ASP D 37 -16.59 12.01 6.27
CA ASP D 37 -15.85 13.18 6.71
C ASP D 37 -14.66 13.47 5.80
N SER D 38 -14.00 12.43 5.29
CA SER D 38 -12.84 12.64 4.44
C SER D 38 -13.24 13.29 3.12
N VAL D 39 -14.35 12.84 2.53
CA VAL D 39 -14.85 13.49 1.32
C VAL D 39 -15.18 14.95 1.59
N ALA D 40 -15.77 15.23 2.75
CA ALA D 40 -16.16 16.60 3.07
C ALA D 40 -14.96 17.51 3.24
N SER D 41 -13.92 17.04 3.94
CA SER D 41 -12.69 17.81 4.04
C SER D 41 -12.17 18.18 2.67
N LEU D 42 -12.16 17.23 1.75
CA LEU D 42 -11.64 17.49 0.42
C LEU D 42 -12.53 18.47 -0.34
N VAL D 43 -13.83 18.21 -0.38
CA VAL D 43 -14.75 19.07 -1.11
C VAL D 43 -14.72 20.49 -0.55
N ILE D 44 -14.70 20.63 0.77
CA ILE D 44 -14.67 21.95 1.38
C ILE D 44 -13.37 22.67 1.03
N ALA D 45 -12.25 21.97 1.14
CA ALA D 45 -10.96 22.57 0.79
C ALA D 45 -10.96 23.07 -0.65
N GLN D 46 -11.54 22.29 -1.57
CA GLN D 46 -11.59 22.71 -2.97
C GLN D 46 -12.52 23.90 -3.15
N LEU D 47 -13.66 23.91 -2.45
CA LEU D 47 -14.61 25.02 -2.61
C LEU D 47 -14.00 26.34 -2.15
N LEU D 48 -13.33 26.33 -0.99
CA LEU D 48 -12.70 27.55 -0.50
C LEU D 48 -11.57 27.99 -1.42
N PHE D 49 -10.81 27.03 -1.95
CA PHE D 49 -9.75 27.36 -2.90
C PHE D 49 -10.34 28.04 -4.13
N LEU D 50 -11.40 27.47 -4.70
CA LEU D 50 -11.97 28.04 -5.92
C LEU D 50 -12.54 29.43 -5.67
N GLN D 51 -13.18 29.65 -4.51
CA GLN D 51 -13.68 30.98 -4.21
C GLN D 51 -12.56 32.01 -4.18
N SER D 52 -11.41 31.63 -3.61
CA SER D 52 -10.32 32.59 -3.49
C SER D 52 -9.73 32.97 -4.83
N GLU D 53 -9.69 32.02 -5.78
CA GLU D 53 -9.24 32.35 -7.12
C GLU D 53 -10.22 33.28 -7.82
N SER D 54 -11.51 33.17 -7.49
CA SER D 54 -12.52 34.11 -7.95
C SER D 54 -13.83 33.86 -7.22
N ASN D 55 -14.30 34.85 -6.46
CA ASN D 55 -15.57 34.74 -5.75
C ASN D 55 -16.76 35.11 -6.64
N LYS D 56 -16.55 35.26 -7.94
CA LYS D 56 -17.59 35.56 -8.91
C LYS D 56 -17.83 34.45 -9.90
N LYS D 57 -16.78 33.77 -10.35
CA LYS D 57 -16.92 32.75 -11.38
C LYS D 57 -17.71 31.56 -10.82
N PRO D 58 -18.59 30.97 -11.60
CA PRO D 58 -19.36 29.82 -11.09
C PRO D 58 -18.44 28.67 -10.68
N ILE D 59 -18.94 27.85 -9.76
CA ILE D 59 -18.31 26.60 -9.36
C ILE D 59 -19.27 25.47 -9.70
N HIS D 60 -18.73 24.38 -10.23
CA HIS D 60 -19.53 23.25 -10.68
C HIS D 60 -19.27 22.05 -9.78
N MET D 61 -20.35 21.37 -9.40
CA MET D 61 -20.29 20.23 -8.49
C MET D 61 -20.92 19.02 -9.17
N TYR D 62 -20.10 18.03 -9.49
CA TYR D 62 -20.57 16.80 -10.11
C TYR D 62 -20.97 15.82 -9.02
N ILE D 63 -22.21 15.35 -9.06
CA ILE D 63 -22.78 14.52 -8.01
C ILE D 63 -23.18 13.19 -8.62
N ASN D 64 -22.50 12.12 -8.19
CA ASN D 64 -22.91 10.73 -8.44
C ASN D 64 -22.71 10.00 -7.11
N SER D 65 -23.64 10.21 -6.19
CA SER D 65 -23.46 9.76 -4.82
C SER D 65 -24.67 9.00 -4.33
N PRO D 66 -24.47 7.91 -3.57
CA PRO D 66 -25.60 7.25 -2.91
C PRO D 66 -26.00 7.86 -1.59
N GLY D 67 -25.28 8.87 -1.13
CA GLY D 67 -25.49 9.46 0.18
C GLY D 67 -24.30 9.26 1.10
N GLY D 68 -24.57 9.34 2.38
CA GLY D 68 -23.52 9.09 3.36
C GLY D 68 -23.83 9.73 4.70
N VAL D 69 -22.76 10.15 5.38
CA VAL D 69 -22.89 10.70 6.73
C VAL D 69 -23.65 12.03 6.66
N VAL D 70 -24.61 12.20 7.57
CA VAL D 70 -25.44 13.40 7.55
C VAL D 70 -24.62 14.62 7.89
N THR D 71 -23.88 14.58 9.00
CA THR D 71 -23.10 15.74 9.41
C THR D 71 -22.07 16.11 8.36
N ALA D 72 -21.44 15.11 7.75
CA ALA D 72 -20.51 15.39 6.66
C ALA D 72 -21.20 16.08 5.50
N GLY D 73 -22.39 15.61 5.14
CA GLY D 73 -23.12 16.25 4.05
C GLY D 73 -23.56 17.67 4.39
N LEU D 74 -23.96 17.90 5.65
CA LEU D 74 -24.33 19.25 6.05
C LEU D 74 -23.11 20.17 6.06
N ALA D 75 -21.93 19.63 6.34
CA ALA D 75 -20.71 20.42 6.24
C ALA D 75 -20.54 21.00 4.84
N ILE D 76 -20.64 20.14 3.82
CA ILE D 76 -20.53 20.59 2.45
C ILE D 76 -21.65 21.58 2.13
N TYR D 77 -22.88 21.25 2.52
CA TYR D 77 -24.01 22.14 2.29
C TYR D 77 -23.74 23.53 2.85
N ASP D 78 -23.27 23.61 4.10
CA ASP D 78 -23.02 24.90 4.71
C ASP D 78 -21.93 25.66 3.96
N THR D 79 -20.89 24.96 3.52
CA THR D 79 -19.85 25.61 2.74
C THR D 79 -20.40 26.10 1.40
N MET D 80 -21.31 25.35 0.79
CA MET D 80 -21.94 25.80 -0.45
C MET D 80 -22.69 27.11 -0.23
N GLN D 81 -23.47 27.19 0.86
CA GLN D 81 -24.20 28.42 1.15
C GLN D 81 -23.26 29.53 1.57
N TYR D 82 -22.11 29.19 2.14
CA TYR D 82 -21.18 30.21 2.64
C TYR D 82 -20.53 30.98 1.49
N ILE D 83 -19.88 30.26 0.57
CA ILE D 83 -19.09 30.93 -0.46
C ILE D 83 -19.97 31.83 -1.32
N LEU D 84 -19.35 32.86 -1.90
CA LEU D 84 -20.07 33.83 -2.71
C LEU D 84 -20.42 33.30 -4.09
N ASN D 85 -19.64 32.36 -4.61
CA ASN D 85 -19.78 31.97 -6.00
C ASN D 85 -21.15 31.35 -6.24
N PRO D 86 -21.76 31.58 -7.40
CA PRO D 86 -22.86 30.71 -7.83
C PRO D 86 -22.37 29.28 -8.01
N ILE D 87 -23.16 28.31 -7.57
CA ILE D 87 -22.79 26.90 -7.60
C ILE D 87 -23.76 26.18 -8.52
N CYS D 88 -23.23 25.56 -9.57
CA CYS D 88 -24.02 24.75 -10.48
C CYS D 88 -23.87 23.28 -10.09
N THR D 89 -24.98 22.65 -9.75
CA THR D 89 -24.99 21.25 -9.36
C THR D 89 -25.41 20.39 -10.56
N TRP D 90 -24.77 19.25 -10.72
CA TRP D 90 -24.99 18.36 -11.85
C TRP D 90 -25.12 16.94 -11.34
N CYS D 91 -26.27 16.32 -11.58
CA CYS D 91 -26.53 14.93 -11.17
C CYS D 91 -26.27 14.03 -12.36
N VAL D 92 -25.24 13.20 -12.27
CA VAL D 92 -24.94 12.16 -13.24
C VAL D 92 -24.97 10.83 -12.50
N GLY D 93 -25.78 9.89 -12.99
CA GLY D 93 -25.92 8.61 -12.32
C GLY D 93 -27.04 8.62 -11.30
N GLN D 94 -26.75 9.07 -10.08
CA GLN D 94 -27.77 9.14 -9.04
C GLN D 94 -27.41 10.20 -8.02
N ALA D 95 -28.43 10.70 -7.33
CA ALA D 95 -28.27 11.59 -6.18
C ALA D 95 -29.26 11.11 -5.13
N ALA D 96 -28.78 10.35 -4.16
CA ALA D 96 -29.62 9.72 -3.15
C ALA D 96 -29.32 10.30 -1.78
N SER D 97 -30.37 10.63 -1.03
CA SER D 97 -30.26 11.07 0.36
C SER D 97 -29.45 12.37 0.38
N MET D 98 -28.40 12.48 1.20
CA MET D 98 -27.62 13.71 1.26
C MET D 98 -27.13 14.14 -0.12
N GLY D 99 -26.85 13.17 -1.00
CA GLY D 99 -26.51 13.50 -2.37
C GLY D 99 -27.56 14.36 -3.04
N SER D 100 -28.83 14.01 -2.84
CA SER D 100 -29.92 14.81 -3.42
C SER D 100 -30.04 16.16 -2.73
N LEU D 101 -29.67 16.23 -1.45
CA LEU D 101 -29.70 17.51 -0.75
C LEU D 101 -28.69 18.48 -1.36
N LEU D 102 -27.45 18.02 -1.56
CA LEU D 102 -26.45 18.86 -2.20
C LEU D 102 -26.89 19.28 -3.60
N LEU D 103 -27.48 18.35 -4.36
CA LEU D 103 -28.02 18.68 -5.67
C LEU D 103 -29.04 19.80 -5.56
N ALA D 104 -29.89 19.76 -4.54
CA ALA D 104 -30.93 20.77 -4.38
C ALA D 104 -30.40 22.08 -3.81
N ALA D 105 -29.25 22.06 -3.15
CA ALA D 105 -28.67 23.26 -2.58
C ALA D 105 -27.96 24.14 -3.61
N GLY D 106 -27.94 23.72 -4.87
CA GLY D 106 -27.30 24.53 -5.90
C GLY D 106 -27.98 25.87 -6.08
N THR D 107 -27.25 26.79 -6.69
CA THR D 107 -27.77 28.13 -6.93
C THR D 107 -29.08 28.04 -7.70
N PRO D 108 -30.14 28.73 -7.27
CA PRO D 108 -31.40 28.67 -8.01
C PRO D 108 -31.21 28.88 -9.51
N GLY D 109 -31.85 28.01 -10.30
CA GLY D 109 -31.73 28.05 -11.74
C GLY D 109 -30.51 27.34 -12.30
N MET D 110 -29.63 26.82 -11.45
CA MET D 110 -28.39 26.20 -11.89
C MET D 110 -28.24 24.78 -11.38
N ARG D 111 -29.36 24.10 -11.14
CA ARG D 111 -29.36 22.72 -10.66
C ARG D 111 -29.79 21.83 -11.82
N HIS D 112 -28.89 20.94 -12.25
CA HIS D 112 -29.10 20.17 -13.46
C HIS D 112 -29.03 18.68 -13.18
N SER D 113 -29.44 17.90 -14.18
CA SER D 113 -29.31 16.45 -14.17
C SER D 113 -29.27 15.95 -15.61
N LEU D 114 -28.52 14.88 -15.81
CA LEU D 114 -28.54 14.19 -17.10
C LEU D 114 -29.79 13.34 -17.21
N PRO D 115 -30.12 12.84 -18.40
CA PRO D 115 -31.46 12.27 -18.61
C PRO D 115 -31.75 11.04 -17.77
N ASN D 116 -30.82 10.09 -17.68
CA ASN D 116 -31.10 8.79 -17.06
C ASN D 116 -30.71 8.74 -15.58
N SER D 117 -30.59 9.88 -14.92
CA SER D 117 -30.23 9.89 -13.50
C SER D 117 -31.43 9.52 -12.63
N ARG D 118 -31.12 9.04 -11.43
CA ARG D 118 -32.13 8.70 -10.42
C ARG D 118 -31.91 9.57 -9.19
N ILE D 119 -32.99 10.09 -8.62
CA ILE D 119 -32.93 11.05 -7.54
C ILE D 119 -33.84 10.58 -6.41
N MET D 120 -33.30 10.51 -5.20
CA MET D 120 -34.03 10.04 -4.03
C MET D 120 -33.79 11.00 -2.86
N ILE D 121 -34.86 11.50 -2.28
CA ILE D 121 -34.78 12.29 -1.06
C ILE D 121 -35.07 11.46 0.19
N HIS D 122 -35.59 10.24 0.03
CA HIS D 122 -35.74 9.32 1.15
C HIS D 122 -34.40 9.07 1.82
N GLN D 123 -34.40 9.06 3.18
CA GLN D 123 -33.19 8.80 3.95
C GLN D 123 -33.08 7.31 4.26
N PRO D 124 -31.87 6.75 4.29
CA PRO D 124 -31.73 5.33 4.59
C PRO D 124 -31.95 5.05 6.07
N SER D 125 -32.45 3.85 6.34
CA SER D 125 -32.71 3.43 7.72
C SER D 125 -31.41 3.03 8.42
N ALA D 132 -25.02 2.30 11.21
CA ALA D 132 -25.13 3.67 11.70
C ALA D 132 -24.10 4.56 11.01
N THR D 133 -24.24 5.86 11.22
CA THR D 133 -23.32 6.85 10.68
C THR D 133 -22.79 7.72 11.81
N ASP D 134 -21.63 8.34 11.58
CA ASP D 134 -20.99 9.18 12.59
C ASP D 134 -20.68 8.37 13.85
N ILE D 135 -21.48 8.55 14.89
CA ILE D 135 -21.35 7.81 16.14
C ILE D 135 -22.76 7.47 16.61
N ALA D 136 -22.85 6.56 17.56
CA ALA D 136 -24.16 6.21 18.11
C ALA D 136 -24.79 7.42 18.78
N ILE D 137 -26.02 7.76 18.37
CA ILE D 137 -26.70 8.94 18.86
C ILE D 137 -28.08 8.55 19.38
N GLN D 138 -28.65 9.43 20.19
CA GLN D 138 -29.93 9.19 20.84
C GLN D 138 -31.08 9.41 19.87
N ALA D 139 -32.28 9.00 20.31
CA ALA D 139 -33.47 9.14 19.47
C ALA D 139 -33.79 10.60 19.19
N GLU D 140 -33.72 11.45 20.21
CA GLU D 140 -34.00 12.86 20.01
C GLU D 140 -33.03 13.48 19.01
N GLU D 141 -31.76 13.04 19.04
CA GLU D 141 -30.75 13.62 18.17
C GLU D 141 -31.02 13.27 16.71
N ILE D 142 -31.26 11.99 16.42
CA ILE D 142 -31.53 11.59 15.04
C ILE D 142 -32.75 12.33 14.52
N MET D 143 -33.72 12.62 15.40
CA MET D 143 -34.90 13.37 14.97
C MET D 143 -34.55 14.83 14.71
N LYS D 144 -33.65 15.41 15.53
CA LYS D 144 -33.19 16.77 15.27
C LYS D 144 -32.51 16.87 13.92
N LEU D 145 -31.65 15.90 13.59
CA LEU D 145 -31.02 15.89 12.27
C LEU D 145 -32.07 15.80 11.17
N LYS D 146 -33.03 14.88 11.32
CA LYS D 146 -34.08 14.73 10.33
C LYS D 146 -34.82 16.05 10.11
N LYS D 147 -35.13 16.76 11.20
CA LYS D 147 -35.83 18.04 11.07
C LYS D 147 -34.97 19.06 10.34
N GLN D 148 -33.65 19.05 10.58
CA GLN D 148 -32.77 19.93 9.84
C GLN D 148 -32.82 19.63 8.35
N LEU D 149 -32.95 18.34 7.99
CA LEU D 149 -33.05 17.99 6.58
C LEU D 149 -34.38 18.45 5.99
N TYR D 150 -35.47 18.28 6.72
CA TYR D 150 -36.76 18.78 6.27
C TYR D 150 -36.67 20.26 5.93
N ASN D 151 -36.14 21.07 6.86
CA ASN D 151 -36.07 22.51 6.64
C ASN D 151 -35.26 22.84 5.39
N ILE D 152 -34.09 22.23 5.24
CA ILE D 152 -33.25 22.51 4.08
C ILE D 152 -34.01 22.21 2.79
N TYR D 153 -34.53 20.99 2.67
CA TYR D 153 -35.31 20.65 1.48
C TYR D 153 -36.45 21.61 1.26
N ALA D 154 -37.15 21.99 2.34
CA ALA D 154 -38.28 22.92 2.20
C ALA D 154 -37.82 24.28 1.69
N LYS D 155 -36.61 24.71 2.08
CA LYS D 155 -36.11 26.00 1.62
C LYS D 155 -35.82 25.99 0.13
N HIS D 156 -35.09 24.99 -0.34
CA HIS D 156 -34.58 25.00 -1.71
C HIS D 156 -35.57 24.46 -2.73
N THR D 157 -36.52 23.61 -2.32
CA THR D 157 -37.55 23.16 -3.25
C THR D 157 -38.75 24.09 -3.28
N LYS D 158 -38.97 24.86 -2.22
CA LYS D 158 -40.11 25.76 -2.05
C LYS D 158 -41.37 24.99 -1.65
N GLN D 159 -41.26 23.70 -1.36
CA GLN D 159 -42.38 22.93 -0.86
C GLN D 159 -42.56 23.18 0.64
N SER D 160 -43.78 22.93 1.11
CA SER D 160 -44.07 23.04 2.53
C SER D 160 -43.42 21.89 3.30
N LEU D 161 -43.32 22.05 4.62
CA LEU D 161 -42.75 20.99 5.44
C LEU D 161 -43.61 19.73 5.37
N GLN D 162 -44.93 19.89 5.30
CA GLN D 162 -45.80 18.72 5.17
C GLN D 162 -45.49 17.95 3.89
N VAL D 163 -45.34 18.66 2.78
CA VAL D 163 -45.02 18.00 1.51
C VAL D 163 -43.69 17.28 1.60
N ILE D 164 -42.71 17.89 2.27
CA ILE D 164 -41.37 17.29 2.36
C ILE D 164 -41.41 16.03 3.21
N GLU D 165 -42.00 16.13 4.41
CA GLU D 165 -42.03 14.97 5.31
C GLU D 165 -42.70 13.77 4.65
N SER D 166 -43.82 14.00 3.97
CA SER D 166 -44.54 12.89 3.35
C SER D 166 -43.77 12.30 2.18
N ALA D 167 -43.09 13.15 1.41
CA ALA D 167 -42.32 12.65 0.26
C ALA D 167 -41.10 11.87 0.71
N MET D 168 -40.40 12.36 1.74
CA MET D 168 -39.24 11.62 2.26
C MET D 168 -39.65 10.31 2.91
N GLU D 169 -40.93 10.13 3.20
CA GLU D 169 -41.41 8.89 3.78
C GLU D 169 -41.53 7.78 2.74
N ARG D 170 -41.63 8.13 1.46
CA ARG D 170 -41.76 7.15 0.41
C ARG D 170 -40.37 6.64 0.01
N ASP D 171 -40.19 5.32 0.08
CA ASP D 171 -38.92 4.68 -0.28
C ASP D 171 -38.91 4.49 -1.80
N ARG D 172 -38.49 5.53 -2.52
CA ARG D 172 -38.54 5.49 -3.97
C ARG D 172 -37.57 6.50 -4.56
N TYR D 173 -37.29 6.33 -5.85
CA TYR D 173 -36.49 7.28 -6.62
C TYR D 173 -37.40 8.10 -7.53
N MET D 174 -36.90 9.27 -7.91
CA MET D 174 -37.55 10.13 -8.88
C MET D 174 -36.78 10.14 -10.18
N SER D 175 -37.48 10.43 -11.27
CA SER D 175 -36.80 10.76 -12.51
C SER D 175 -36.39 12.23 -12.49
N PRO D 176 -35.48 12.63 -13.37
CA PRO D 176 -35.08 14.05 -13.40
C PRO D 176 -36.25 15.00 -13.58
N MET D 177 -37.25 14.61 -14.39
N MET D 177 -37.25 14.62 -14.38
CA MET D 177 -38.39 15.48 -14.61
CA MET D 177 -38.39 15.51 -14.60
C MET D 177 -39.26 15.57 -13.36
C MET D 177 -39.27 15.58 -13.36
N GLU D 178 -39.45 14.46 -12.64
CA GLU D 178 -40.18 14.50 -11.39
C GLU D 178 -39.49 15.40 -10.39
N ALA D 179 -38.16 15.24 -10.26
CA ALA D 179 -37.39 16.10 -9.37
C ALA D 179 -37.45 17.56 -9.81
N GLN D 180 -37.56 17.80 -11.12
CA GLN D 180 -37.75 19.17 -11.60
C GLN D 180 -39.11 19.71 -11.15
N GLU D 181 -40.17 18.93 -11.35
CA GLU D 181 -41.49 19.35 -10.89
C GLU D 181 -41.49 19.57 -9.38
N PHE D 182 -40.76 18.74 -8.64
CA PHE D 182 -40.77 18.84 -7.18
C PHE D 182 -39.99 20.04 -6.67
N GLY D 183 -39.04 20.55 -7.46
CA GLY D 183 -38.23 21.67 -7.06
C GLY D 183 -36.81 21.31 -6.66
N ILE D 184 -36.37 20.08 -6.89
CA ILE D 184 -35.02 19.67 -6.53
C ILE D 184 -34.01 20.20 -7.52
N LEU D 185 -34.38 20.30 -8.80
CA LEU D 185 -33.49 20.80 -9.84
C LEU D 185 -34.28 21.66 -10.81
N ASP D 186 -33.56 22.34 -11.69
CA ASP D 186 -34.18 23.29 -12.62
C ASP D 186 -34.10 22.86 -14.07
N LYS D 187 -33.05 22.14 -14.48
CA LYS D 187 -32.84 21.80 -15.88
C LYS D 187 -32.50 20.32 -16.02
N VAL D 188 -33.12 19.68 -17.02
CA VAL D 188 -32.77 18.33 -17.44
C VAL D 188 -32.21 18.43 -18.86
N LEU D 189 -30.94 18.10 -19.01
CA LEU D 189 -30.21 18.37 -20.27
C LEU D 189 -29.73 17.07 -20.88
N VAL D 190 -29.91 16.95 -22.20
CA VAL D 190 -29.35 15.85 -22.96
C VAL D 190 -27.97 16.19 -23.50
N HIS D 191 -27.86 17.34 -24.16
N HIS D 191 -27.84 17.35 -24.13
CA HIS D 191 -26.58 17.81 -24.72
CA HIS D 191 -26.59 17.83 -24.72
C HIS D 191 -26.37 19.27 -24.33
C HIS D 191 -26.40 19.29 -24.36
N PRO D 192 -25.23 19.86 -24.66
CA PRO D 192 -24.98 21.27 -24.31
C PRO D 192 -25.86 22.20 -25.13
N PRO D 193 -26.11 23.43 -24.65
CA PRO D 193 -26.85 24.41 -25.46
C PRO D 193 -26.16 24.71 -26.79
N SER E 1 -10.46 8.20 -1.68
CA SER E 1 -10.16 9.61 -1.90
C SER E 1 -8.68 9.83 -2.16
N LEU E 2 -8.38 10.68 -3.14
CA LEU E 2 -7.00 11.02 -3.49
C LEU E 2 -6.92 12.52 -3.70
N ILE E 3 -6.15 13.19 -2.86
CA ILE E 3 -6.10 14.65 -2.86
C ILE E 3 -5.63 15.15 -4.22
N PRO E 4 -6.21 16.23 -4.77
CA PRO E 4 -5.72 16.78 -6.04
C PRO E 4 -4.50 17.68 -5.83
N ILE E 5 -4.13 18.45 -6.85
CA ILE E 5 -2.94 19.29 -6.82
C ILE E 5 -3.28 20.67 -7.36
N VAL E 6 -2.70 21.69 -6.75
CA VAL E 6 -2.74 23.05 -7.28
C VAL E 6 -1.35 23.68 -7.13
N VAL E 7 -0.60 23.21 -6.15
CA VAL E 7 0.77 23.66 -5.90
C VAL E 7 1.53 23.83 -7.21
N ASP E 18 -0.89 19.84 -4.02
CA ASP E 18 -1.57 19.37 -2.83
C ASP E 18 -2.52 20.44 -2.31
N ILE E 19 -3.76 20.05 -2.03
CA ILE E 19 -4.75 21.01 -1.55
C ILE E 19 -4.56 21.28 -0.07
N TYR E 20 -4.09 20.30 0.70
CA TYR E 20 -3.94 20.48 2.14
C TYR E 20 -2.68 21.26 2.48
N SER E 21 -1.62 21.13 1.68
CA SER E 21 -0.48 22.01 1.83
C SER E 21 -0.83 23.44 1.49
N ARG E 22 -1.75 23.63 0.53
CA ARG E 22 -2.25 24.97 0.24
C ARG E 22 -2.99 25.56 1.43
N LEU E 23 -3.81 24.76 2.11
CA LEU E 23 -4.51 25.23 3.29
C LEU E 23 -3.53 25.62 4.39
N LEU E 24 -2.39 24.92 4.48
CA LEU E 24 -1.40 25.27 5.49
C LEU E 24 -0.74 26.61 5.18
N ARG E 25 -0.52 26.92 3.90
CA ARG E 25 -0.03 28.23 3.53
C ARG E 25 -0.99 29.33 3.96
N GLU E 26 -2.30 29.05 3.94
CA GLU E 26 -3.28 29.96 4.49
C GLU E 26 -3.33 29.94 6.01
N ARG E 27 -2.43 29.19 6.65
CA ARG E 27 -2.40 29.07 8.10
C ARG E 27 -3.66 28.38 8.64
N ILE E 28 -4.21 27.45 7.85
CA ILE E 28 -5.36 26.66 8.24
C ILE E 28 -4.87 25.28 8.65
N VAL E 29 -5.18 24.88 9.88
CA VAL E 29 -4.90 23.54 10.37
C VAL E 29 -6.23 22.79 10.46
N CYS E 30 -6.27 21.59 9.91
CA CYS E 30 -7.50 20.80 9.86
C CYS E 30 -7.48 19.73 10.95
N VAL E 31 -8.52 19.71 11.78
CA VAL E 31 -8.76 18.61 12.70
C VAL E 31 -10.06 17.94 12.30
N MET E 32 -10.05 17.27 11.15
CA MET E 32 -11.21 16.56 10.63
C MET E 32 -11.07 15.08 10.95
N GLY E 33 -12.12 14.49 11.53
CA GLY E 33 -12.11 13.09 11.86
C GLY E 33 -11.71 12.85 13.30
N PRO E 34 -11.61 11.57 13.67
CA PRO E 34 -11.29 11.25 15.08
C PRO E 34 -9.89 11.69 15.46
N ILE E 35 -9.71 11.93 16.76
CA ILE E 35 -8.47 12.45 17.30
C ILE E 35 -7.71 11.32 17.98
N ASP E 36 -6.49 11.05 17.50
CA ASP E 36 -5.61 10.09 18.13
C ASP E 36 -4.20 10.68 18.16
N ASP E 37 -3.25 9.91 18.71
CA ASP E 37 -1.90 10.43 18.91
C ASP E 37 -1.26 10.88 17.61
N SER E 38 -1.56 10.21 16.48
CA SER E 38 -0.96 10.60 15.22
C SER E 38 -1.52 11.92 14.71
N VAL E 39 -2.84 12.09 14.79
CA VAL E 39 -3.44 13.39 14.46
C VAL E 39 -2.84 14.48 15.33
N ALA E 40 -2.66 14.18 16.63
CA ALA E 40 -2.13 15.18 17.55
C ALA E 40 -0.72 15.60 17.16
N SER E 41 0.16 14.63 16.93
CA SER E 41 1.53 14.96 16.57
C SER E 41 1.58 15.81 15.31
N LEU E 42 0.67 15.55 14.36
CA LEU E 42 0.65 16.32 13.12
C LEU E 42 0.13 17.73 13.37
N VAL E 43 -1.00 17.85 14.07
CA VAL E 43 -1.56 19.17 14.37
C VAL E 43 -0.55 20.00 15.15
N ILE E 44 0.04 19.41 16.19
CA ILE E 44 1.02 20.14 17.00
C ILE E 44 2.15 20.66 16.12
N ALA E 45 2.68 19.80 15.25
CA ALA E 45 3.79 20.21 14.38
C ALA E 45 3.39 21.39 13.50
N GLN E 46 2.16 21.37 12.98
CA GLN E 46 1.69 22.48 12.16
C GLN E 46 1.53 23.75 12.98
N LEU E 47 1.02 23.63 14.21
CA LEU E 47 0.84 24.81 15.05
C LEU E 47 2.19 25.45 15.40
N LEU E 48 3.17 24.63 15.79
CA LEU E 48 4.48 25.16 16.10
C LEU E 48 5.16 25.73 14.86
N PHE E 49 4.93 25.13 13.69
CA PHE E 49 5.48 25.66 12.45
C PHE E 49 4.88 27.02 12.13
N LEU E 50 3.55 27.13 12.19
CA LEU E 50 2.90 28.39 11.86
C LEU E 50 3.27 29.49 12.84
N GLN E 51 3.53 29.15 14.10
CA GLN E 51 3.99 30.15 15.05
C GLN E 51 5.33 30.74 14.62
N SER E 52 6.20 29.90 14.05
CA SER E 52 7.53 30.37 13.65
C SER E 52 7.45 31.29 12.44
N GLU E 53 6.58 30.97 11.48
CA GLU E 53 6.41 31.85 10.33
C GLU E 53 5.94 33.23 10.76
N SER E 54 5.15 33.30 11.83
CA SER E 54 4.70 34.56 12.41
C SER E 54 3.97 34.29 13.72
N ASN E 55 4.54 34.75 14.83
CA ASN E 55 3.97 34.45 16.14
C ASN E 55 2.80 35.35 16.51
N LYS E 56 2.43 36.30 15.64
CA LYS E 56 1.29 37.16 15.88
C LYS E 56 0.14 36.94 14.90
N LYS E 57 0.41 36.42 13.72
CA LYS E 57 -0.63 36.26 12.72
C LYS E 57 -1.61 35.18 13.18
N PRO E 58 -2.92 35.41 13.09
CA PRO E 58 -3.89 34.39 13.52
C PRO E 58 -3.67 33.06 12.82
N ILE E 59 -3.99 31.99 13.54
CA ILE E 59 -4.03 30.63 13.00
C ILE E 59 -5.48 30.18 13.00
N HIS E 60 -5.86 29.43 11.97
CA HIS E 60 -7.22 28.96 11.81
C HIS E 60 -7.27 27.44 11.95
N MET E 61 -8.26 26.95 12.69
CA MET E 61 -8.41 25.54 12.99
C MET E 61 -9.80 25.09 12.59
N TYR E 62 -9.89 24.25 11.58
CA TYR E 62 -11.17 23.68 11.13
C TYR E 62 -11.43 22.38 11.88
N ILE E 63 -12.60 22.28 12.49
CA ILE E 63 -12.94 21.14 13.35
C ILE E 63 -14.17 20.46 12.78
N ASN E 64 -14.00 19.20 12.36
CA ASN E 64 -15.10 18.30 12.04
C ASN E 64 -14.71 16.95 12.65
N SER E 65 -15.01 16.76 13.93
CA SER E 65 -14.50 15.61 14.66
C SER E 65 -15.55 15.04 15.61
N PRO E 66 -15.66 13.72 15.71
CA PRO E 66 -16.52 13.10 16.73
C PRO E 66 -15.86 12.91 18.09
N GLY E 67 -14.60 13.32 18.25
CA GLY E 67 -13.88 13.11 19.49
C GLY E 67 -12.65 12.25 19.32
N GLY E 68 -12.19 11.60 20.37
CA GLY E 68 -11.06 10.69 20.26
C GLY E 68 -10.35 10.56 21.59
N VAL E 69 -9.07 10.20 21.49
CA VAL E 69 -8.26 9.97 22.69
C VAL E 69 -8.18 11.25 23.50
N VAL E 70 -8.40 11.14 24.80
CA VAL E 70 -8.40 12.34 25.65
C VAL E 70 -7.01 12.95 25.72
N THR E 71 -6.00 12.15 26.07
CA THR E 71 -4.65 12.68 26.21
C THR E 71 -4.18 13.33 24.90
N ALA E 72 -4.54 12.73 23.77
CA ALA E 72 -4.21 13.35 22.48
C ALA E 72 -4.94 14.68 22.32
N GLY E 73 -6.20 14.73 22.73
CA GLY E 73 -6.93 15.99 22.67
C GLY E 73 -6.33 17.05 23.57
N LEU E 74 -5.90 16.66 24.77
CA LEU E 74 -5.26 17.61 25.67
C LEU E 74 -3.91 18.06 25.15
N ALA E 75 -3.20 17.19 24.43
CA ALA E 75 -1.92 17.59 23.84
C ALA E 75 -2.12 18.72 22.85
N ILE E 76 -3.13 18.61 21.99
CA ILE E 76 -3.45 19.71 21.08
C ILE E 76 -3.86 20.95 21.87
N TYR E 77 -4.71 20.76 22.87
CA TYR E 77 -5.19 21.89 23.66
C TYR E 77 -4.02 22.65 24.28
N ASP E 78 -3.15 21.96 25.01
CA ASP E 78 -2.01 22.63 25.63
C ASP E 78 -1.18 23.36 24.58
N THR E 79 -1.03 22.76 23.39
CA THR E 79 -0.29 23.43 22.33
C THR E 79 -0.99 24.71 21.89
N MET E 80 -2.31 24.66 21.75
CA MET E 80 -3.07 25.85 21.41
C MET E 80 -2.83 26.96 22.42
N GLN E 81 -2.80 26.62 23.71
CA GLN E 81 -2.56 27.61 24.75
C GLN E 81 -1.11 28.05 24.82
N TYR E 82 -0.18 27.22 24.34
CA TYR E 82 1.24 27.55 24.44
C TYR E 82 1.62 28.64 23.44
N ILE E 83 1.27 28.45 22.16
CA ILE E 83 1.78 29.33 21.12
C ILE E 83 1.25 30.75 21.31
N LEU E 84 2.00 31.73 20.79
CA LEU E 84 1.62 33.13 20.96
C LEU E 84 0.43 33.50 20.08
N ASN E 85 0.24 32.79 18.97
CA ASN E 85 -0.69 33.26 17.95
C ASN E 85 -2.14 33.23 18.45
N PRO E 86 -2.98 34.16 17.99
CA PRO E 86 -4.42 33.97 18.14
C PRO E 86 -4.89 32.81 17.29
N ILE E 87 -5.94 32.14 17.75
CA ILE E 87 -6.46 30.95 17.08
C ILE E 87 -7.96 31.12 16.89
N CYS E 88 -8.41 31.13 15.64
CA CYS E 88 -9.83 31.08 15.31
C CYS E 88 -10.25 29.64 15.11
N THR E 89 -11.30 29.23 15.79
CA THR E 89 -11.86 27.89 15.65
C THR E 89 -13.14 27.94 14.84
N TRP E 90 -13.31 26.98 13.94
CA TRP E 90 -14.47 26.91 13.06
C TRP E 90 -15.03 25.50 13.12
N CYS E 91 -16.26 25.37 13.61
CA CYS E 91 -16.93 24.07 13.69
C CYS E 91 -17.69 23.85 12.38
N VAL E 92 -17.27 22.86 11.61
CA VAL E 92 -17.92 22.46 10.38
C VAL E 92 -18.33 21.00 10.55
N GLY E 93 -19.62 20.72 10.39
CA GLY E 93 -20.12 19.38 10.58
C GLY E 93 -20.47 19.09 12.04
N GLN E 94 -19.45 18.76 12.84
CA GLN E 94 -19.70 18.50 14.26
C GLN E 94 -18.42 18.74 15.04
N ALA E 95 -18.61 19.06 16.33
CA ALA E 95 -17.53 19.08 17.31
C ALA E 95 -18.05 18.36 18.54
N ALA E 96 -17.68 17.08 18.69
CA ALA E 96 -18.19 16.24 19.75
C ALA E 96 -17.07 15.88 20.72
N SER E 97 -17.40 15.86 22.01
CA SER E 97 -16.46 15.48 23.05
C SER E 97 -15.17 16.29 22.95
N MET E 98 -14.03 15.64 22.79
CA MET E 98 -12.77 16.37 22.69
C MET E 98 -12.78 17.36 21.54
N GLY E 99 -13.56 17.09 20.50
CA GLY E 99 -13.70 18.05 19.41
C GLY E 99 -14.27 19.37 19.88
N SER E 100 -15.30 19.33 20.73
CA SER E 100 -15.90 20.55 21.23
C SER E 100 -14.99 21.26 22.23
N LEU E 101 -14.05 20.55 22.86
CA LEU E 101 -13.10 21.20 23.74
C LEU E 101 -12.12 22.06 22.94
N LEU E 102 -11.62 21.54 21.82
CA LEU E 102 -10.74 22.34 20.97
C LEU E 102 -11.51 23.52 20.38
N LEU E 103 -12.76 23.31 19.99
CA LEU E 103 -13.59 24.40 19.50
C LEU E 103 -13.70 25.50 20.54
N ALA E 104 -13.94 25.12 21.79
CA ALA E 104 -14.15 26.10 22.85
C ALA E 104 -12.85 26.73 23.34
N ALA E 105 -11.70 26.14 23.00
CA ALA E 105 -10.43 26.64 23.47
C ALA E 105 -9.85 27.72 22.57
N GLY E 106 -10.55 28.14 21.53
CA GLY E 106 -10.07 29.20 20.67
C GLY E 106 -10.02 30.54 21.39
N THR E 107 -9.33 31.48 20.75
CA THR E 107 -9.22 32.82 21.30
C THR E 107 -10.62 33.38 21.56
N PRO E 108 -10.87 33.96 22.73
CA PRO E 108 -12.20 34.54 22.99
C PRO E 108 -12.63 35.48 21.88
N GLY E 109 -13.85 35.26 21.37
CA GLY E 109 -14.40 36.06 20.30
C GLY E 109 -14.09 35.56 18.91
N MET E 110 -13.25 34.54 18.77
CA MET E 110 -12.86 34.01 17.47
C MET E 110 -13.26 32.55 17.32
N ARG E 111 -14.28 32.12 18.05
CA ARG E 111 -14.77 30.75 18.01
C ARG E 111 -16.09 30.74 17.25
N HIS E 112 -16.11 30.04 16.11
CA HIS E 112 -17.23 30.09 15.19
C HIS E 112 -17.80 28.71 14.92
N SER E 113 -18.97 28.71 14.28
CA SER E 113 -19.56 27.48 13.75
C SER E 113 -20.38 27.84 12.53
N LEU E 114 -20.44 26.92 11.58
CA LEU E 114 -21.39 27.05 10.49
C LEU E 114 -22.80 26.74 11.00
N PRO E 115 -23.83 27.12 10.26
CA PRO E 115 -25.19 27.12 10.85
C PRO E 115 -25.73 25.74 11.19
N ASN E 116 -25.39 24.70 10.43
CA ASN E 116 -26.01 23.38 10.60
C ASN E 116 -25.12 22.40 11.37
N SER E 117 -24.16 22.90 12.14
CA SER E 117 -23.26 22.02 12.87
C SER E 117 -23.93 21.51 14.14
N ARG E 118 -23.36 20.44 14.70
CA ARG E 118 -23.83 19.83 15.94
C ARG E 118 -22.67 19.82 16.94
N ILE E 119 -22.93 20.30 18.15
CA ILE E 119 -21.92 20.42 19.19
C ILE E 119 -22.36 19.57 20.38
N MET E 120 -21.42 18.77 20.90
CA MET E 120 -21.69 17.92 22.06
C MET E 120 -20.47 17.97 22.98
N ILE E 121 -20.70 18.31 24.25
CA ILE E 121 -19.67 18.26 25.27
C ILE E 121 -19.75 16.99 26.10
N HIS E 122 -20.85 16.24 26.01
CA HIS E 122 -20.92 14.94 26.64
C HIS E 122 -19.78 14.05 26.15
N GLN E 123 -19.21 13.27 27.07
CA GLN E 123 -18.12 12.38 26.71
C GLN E 123 -18.64 10.98 26.44
N PRO E 124 -18.01 10.22 25.55
CA PRO E 124 -18.51 8.89 25.22
C PRO E 124 -18.15 7.88 26.30
N SER E 125 -19.07 6.93 26.53
CA SER E 125 -18.81 5.89 27.51
C SER E 125 -17.78 4.89 26.99
N GLY E 126 -16.88 4.48 27.87
CA GLY E 126 -15.92 3.45 27.54
C GLY E 126 -14.95 3.85 26.44
N GLY E 127 -13.86 3.09 26.32
CA GLY E 127 -12.85 3.32 25.30
C GLY E 127 -11.65 2.40 25.43
N ALA E 132 -10.50 7.00 22.96
CA ALA E 132 -10.67 7.71 24.22
C ALA E 132 -9.51 7.42 25.16
N THR E 133 -8.82 6.30 24.95
CA THR E 133 -7.69 5.92 25.78
C THR E 133 -6.68 5.17 24.94
N ASP E 134 -5.39 5.44 25.19
CA ASP E 134 -4.34 4.66 24.55
C ASP E 134 -4.14 3.31 25.22
N ILE E 135 -4.17 3.28 26.56
CA ILE E 135 -4.08 2.05 27.33
C ILE E 135 -5.18 2.07 28.38
N ALA E 136 -5.55 0.88 28.86
CA ALA E 136 -6.58 0.77 29.89
C ALA E 136 -6.08 1.37 31.20
N ILE E 137 -7.00 2.01 31.94
CA ILE E 137 -6.63 2.79 33.10
C ILE E 137 -7.57 2.50 34.27
N GLN E 138 -7.15 2.92 35.46
CA GLN E 138 -7.90 2.70 36.68
C GLN E 138 -9.08 3.66 36.79
N ALA E 139 -9.96 3.39 37.75
CA ALA E 139 -11.13 4.21 37.97
C ALA E 139 -10.76 5.62 38.43
N GLU E 140 -9.71 5.74 39.26
CA GLU E 140 -9.32 7.05 39.76
C GLU E 140 -8.77 7.93 38.64
N GLU E 141 -8.04 7.33 37.70
CA GLU E 141 -7.46 8.11 36.61
C GLU E 141 -8.53 8.67 35.69
N ILE E 142 -9.46 7.81 35.24
CA ILE E 142 -10.52 8.27 34.36
C ILE E 142 -11.28 9.42 35.00
N MET E 143 -11.41 9.43 36.33
CA MET E 143 -12.05 10.54 37.00
C MET E 143 -11.14 11.76 37.02
N LYS E 144 -9.83 11.55 37.17
CA LYS E 144 -8.88 12.65 37.09
C LYS E 144 -8.98 13.34 35.74
N LEU E 145 -8.96 12.57 34.64
CA LEU E 145 -9.10 13.16 33.32
C LEU E 145 -10.43 13.88 33.18
N LYS E 146 -11.50 13.29 33.69
CA LYS E 146 -12.81 13.91 33.60
C LYS E 146 -12.81 15.28 34.26
N LYS E 147 -12.23 15.37 35.46
CA LYS E 147 -12.20 16.64 36.18
C LYS E 147 -11.33 17.66 35.48
N GLN E 148 -10.29 17.22 34.77
CA GLN E 148 -9.52 18.15 33.94
C GLN E 148 -10.41 18.76 32.86
N LEU E 149 -11.28 17.95 32.26
CA LEU E 149 -12.18 18.47 31.23
C LEU E 149 -13.19 19.44 31.80
N TYR E 150 -13.71 19.16 33.01
CA TYR E 150 -14.59 20.10 33.67
C TYR E 150 -13.93 21.46 33.80
N ASN E 151 -12.65 21.48 34.22
CA ASN E 151 -11.97 22.73 34.47
C ASN E 151 -11.71 23.50 33.17
N ILE E 152 -11.32 22.79 32.10
CA ILE E 152 -11.09 23.46 30.82
C ILE E 152 -12.40 24.04 30.30
N TYR E 153 -13.45 23.24 30.24
CA TYR E 153 -14.75 23.74 29.80
C TYR E 153 -15.19 24.93 30.66
N ALA E 154 -14.98 24.83 31.98
CA ALA E 154 -15.31 25.95 32.86
C ALA E 154 -14.51 27.19 32.50
N LYS E 155 -13.22 27.02 32.20
CA LYS E 155 -12.36 28.16 31.93
C LYS E 155 -12.84 28.96 30.74
N HIS E 156 -13.19 28.28 29.64
CA HIS E 156 -13.46 28.96 28.38
C HIS E 156 -14.93 29.29 28.16
N THR E 157 -15.85 28.56 28.78
CA THR E 157 -17.26 28.93 28.72
C THR E 157 -17.63 29.94 29.77
N LYS E 158 -16.80 30.12 30.81
CA LYS E 158 -17.10 30.96 31.95
C LYS E 158 -18.33 30.46 32.72
N GLN E 159 -18.64 29.18 32.58
CA GLN E 159 -19.67 28.53 33.39
C GLN E 159 -19.04 27.93 34.64
N SER E 160 -19.88 27.70 35.64
CA SER E 160 -19.42 27.09 36.88
C SER E 160 -19.17 25.61 36.68
N LEU E 161 -18.39 25.02 37.61
CA LEU E 161 -18.13 23.59 37.56
C LEU E 161 -19.43 22.80 37.63
N GLN E 162 -20.33 23.19 38.55
CA GLN E 162 -21.60 22.49 38.67
C GLN E 162 -22.37 22.51 37.36
N VAL E 163 -22.42 23.66 36.69
CA VAL E 163 -23.12 23.75 35.41
C VAL E 163 -22.49 22.81 34.40
N ILE E 164 -21.15 22.81 34.32
CA ILE E 164 -20.46 21.96 33.35
C ILE E 164 -20.75 20.50 33.65
N GLU E 165 -20.57 20.09 34.92
CA GLU E 165 -20.77 18.69 35.29
C GLU E 165 -22.18 18.22 34.91
N SER E 166 -23.18 19.05 35.18
CA SER E 166 -24.56 18.65 34.87
C SER E 166 -24.79 18.59 33.37
N ALA E 167 -24.26 19.57 32.62
CA ALA E 167 -24.49 19.60 31.18
C ALA E 167 -23.83 18.42 30.49
N MET E 168 -22.64 18.03 30.93
CA MET E 168 -21.93 16.91 30.33
C MET E 168 -22.56 15.56 30.68
N GLU E 169 -23.49 15.55 31.64
CA GLU E 169 -24.19 14.31 31.97
C GLU E 169 -25.28 14.00 30.95
N ARG E 170 -25.79 15.02 30.26
CA ARG E 170 -26.88 14.83 29.30
C ARG E 170 -26.30 14.37 27.97
N ASP E 171 -26.79 13.23 27.48
CA ASP E 171 -26.34 12.65 26.21
C ASP E 171 -27.13 13.31 25.07
N ARG E 172 -26.67 14.50 24.68
CA ARG E 172 -27.37 15.29 23.68
C ARG E 172 -26.39 16.22 22.96
N TYR E 173 -26.84 16.74 21.83
CA TYR E 173 -26.10 17.72 21.07
C TYR E 173 -26.74 19.10 21.22
N MET E 174 -25.95 20.12 20.92
CA MET E 174 -26.41 21.50 20.89
C MET E 174 -26.40 22.02 19.46
N SER E 175 -27.31 22.96 19.19
CA SER E 175 -27.21 23.74 17.99
C SER E 175 -26.12 24.79 18.16
N PRO E 176 -25.65 25.40 17.06
CA PRO E 176 -24.65 26.46 17.20
C PRO E 176 -25.10 27.58 18.11
N MET E 177 -26.38 27.97 18.05
CA MET E 177 -26.86 29.06 18.90
C MET E 177 -26.96 28.64 20.36
N GLU E 178 -27.29 27.37 20.63
CA GLU E 178 -27.23 26.88 22.00
C GLU E 178 -25.80 26.89 22.51
N ALA E 179 -24.85 26.46 21.68
CA ALA E 179 -23.46 26.49 22.06
C ALA E 179 -22.97 27.92 22.27
N GLN E 180 -23.48 28.87 21.49
CA GLN E 180 -23.13 30.27 21.70
C GLN E 180 -23.62 30.76 23.06
N GLU E 181 -24.89 30.50 23.38
CA GLU E 181 -25.44 30.92 24.66
C GLU E 181 -24.79 30.19 25.83
N PHE E 182 -24.19 29.03 25.60
CA PHE E 182 -23.52 28.28 26.66
C PHE E 182 -22.08 28.71 26.87
N GLY E 183 -21.47 29.35 25.87
CA GLY E 183 -20.09 29.82 25.98
C GLY E 183 -19.08 29.01 25.21
N ILE E 184 -19.52 28.02 24.42
CA ILE E 184 -18.59 27.18 23.67
C ILE E 184 -18.01 27.94 22.48
N LEU E 185 -18.85 28.72 21.79
CA LEU E 185 -18.40 29.51 20.65
C LEU E 185 -18.95 30.93 20.79
N ASP E 186 -18.52 31.81 19.89
CA ASP E 186 -18.82 33.22 19.97
C ASP E 186 -19.73 33.73 18.87
N LYS E 187 -19.71 33.12 17.69
CA LYS E 187 -20.48 33.64 16.57
C LYS E 187 -20.84 32.51 15.62
N VAL E 188 -22.07 32.56 15.09
CA VAL E 188 -22.55 31.63 14.08
C VAL E 188 -22.66 32.40 12.77
N LEU E 189 -21.92 31.95 11.75
CA LEU E 189 -21.82 32.65 10.48
C LEU E 189 -22.47 31.85 9.37
N VAL E 190 -23.24 32.55 8.54
CA VAL E 190 -23.85 31.95 7.36
C VAL E 190 -23.11 32.32 6.09
N HIS E 191 -22.62 33.56 6.01
CA HIS E 191 -21.92 34.06 4.84
C HIS E 191 -20.70 34.83 5.30
N PRO E 192 -19.75 35.11 4.40
CA PRO E 192 -18.52 35.78 4.80
C PRO E 192 -18.80 37.15 5.39
N PRO E 193 -18.33 37.42 6.61
CA PRO E 193 -18.47 38.78 7.15
C PRO E 193 -17.73 39.80 6.31
N GLN E 194 -18.19 41.04 6.37
CA GLN E 194 -17.55 42.14 5.66
C GLN E 194 -17.13 43.23 6.65
N SER F 1 -4.07 14.41 3.55
CA SER F 1 -4.57 13.26 4.29
C SER F 1 -3.50 12.69 5.24
N LEU F 2 -2.24 12.66 4.78
CA LEU F 2 -1.14 12.14 5.58
C LEU F 2 0.11 12.98 5.32
N ILE F 3 0.50 13.77 6.32
CA ILE F 3 1.77 14.51 6.35
C ILE F 3 1.83 15.57 5.25
N PRO F 4 1.44 16.82 5.55
CA PRO F 4 1.64 17.94 4.61
C PRO F 4 3.10 18.27 4.28
N ILE F 5 3.27 19.31 3.48
CA ILE F 5 4.56 19.79 3.00
C ILE F 5 4.70 21.25 3.41
N VAL F 6 5.78 21.58 4.10
CA VAL F 6 6.08 22.97 4.43
C VAL F 6 6.90 23.57 3.29
N VAL F 7 6.84 24.89 3.18
CA VAL F 7 7.54 25.59 2.11
C VAL F 7 8.84 26.18 2.63
N ASP F 18 8.21 18.62 3.85
CA ASP F 18 7.79 17.73 4.92
C ASP F 18 7.97 18.39 6.28
N ILE F 19 6.93 18.37 7.11
CA ILE F 19 6.97 19.09 8.37
C ILE F 19 7.81 18.36 9.39
N TYR F 20 7.78 17.02 9.38
CA TYR F 20 8.62 16.26 10.30
C TYR F 20 10.10 16.47 9.98
N SER F 21 10.44 16.61 8.70
CA SER F 21 11.80 16.97 8.34
C SER F 21 12.11 18.41 8.75
N ARG F 22 11.10 19.25 8.85
CA ARG F 22 11.30 20.59 9.40
C ARG F 22 11.60 20.52 10.88
N LEU F 23 10.84 19.71 11.63
CA LEU F 23 11.15 19.48 13.04
C LEU F 23 12.59 19.02 13.21
N LEU F 24 13.08 18.19 12.28
CA LEU F 24 14.45 17.71 12.40
C LEU F 24 15.46 18.81 12.11
N ARG F 25 15.12 19.78 11.27
CA ARG F 25 15.97 20.96 11.14
C ARG F 25 16.03 21.73 12.45
N GLU F 26 14.91 21.81 13.16
CA GLU F 26 14.89 22.41 14.48
C GLU F 26 15.61 21.56 15.52
N ARG F 27 16.17 20.42 15.13
CA ARG F 27 16.82 19.50 16.06
C ARG F 27 15.80 18.93 17.06
N ILE F 28 14.59 18.71 16.57
CA ILE F 28 13.52 18.08 17.34
C ILE F 28 13.41 16.63 16.90
N VAL F 29 13.37 15.72 17.87
CA VAL F 29 13.11 14.31 17.62
C VAL F 29 11.80 13.95 18.30
N CYS F 30 11.01 13.11 17.64
CA CYS F 30 9.66 12.79 18.09
C CYS F 30 9.62 11.35 18.59
N VAL F 31 9.17 11.19 19.83
CA VAL F 31 8.74 9.89 20.36
C VAL F 31 7.25 10.01 20.66
N MET F 32 6.43 10.03 19.60
CA MET F 32 5.04 10.44 19.71
C MET F 32 4.06 9.27 19.64
N GLY F 33 4.56 8.04 19.70
CA GLY F 33 3.70 6.88 19.71
C GLY F 33 4.26 5.79 20.59
N PRO F 34 3.73 4.57 20.46
CA PRO F 34 4.33 3.43 21.17
C PRO F 34 5.76 3.19 20.70
N ILE F 35 6.56 2.61 21.59
CA ILE F 35 7.98 2.43 21.36
C ILE F 35 8.21 0.96 20.96
N ASP F 36 8.83 0.77 19.80
CA ASP F 36 9.27 -0.54 19.35
C ASP F 36 10.64 -0.40 18.69
N ASP F 37 11.15 -1.50 18.15
CA ASP F 37 12.49 -1.48 17.57
C ASP F 37 12.59 -0.50 16.42
N SER F 38 11.52 -0.37 15.63
CA SER F 38 11.55 0.53 14.48
C SER F 38 11.66 1.98 14.92
N VAL F 39 10.84 2.39 15.89
CA VAL F 39 10.95 3.74 16.44
C VAL F 39 12.35 3.97 17.01
N ALA F 40 12.84 3.02 17.78
CA ALA F 40 14.16 3.17 18.39
C ALA F 40 15.24 3.35 17.33
N SER F 41 15.17 2.58 16.25
CA SER F 41 16.16 2.72 15.18
C SER F 41 16.08 4.10 14.54
N LEU F 42 14.87 4.65 14.41
CA LEU F 42 14.72 5.96 13.78
C LEU F 42 15.15 7.08 14.72
N VAL F 43 14.74 7.00 16.00
CA VAL F 43 15.17 8.01 16.97
C VAL F 43 16.68 8.01 17.12
N ILE F 44 17.28 6.82 17.18
CA ILE F 44 18.73 6.74 17.39
C ILE F 44 19.48 7.33 16.20
N ALA F 45 19.03 7.02 14.98
CA ALA F 45 19.68 7.58 13.79
C ALA F 45 19.59 9.09 13.77
N GLN F 46 18.44 9.64 14.17
CA GLN F 46 18.28 11.09 14.21
C GLN F 46 19.19 11.70 15.28
N LEU F 47 19.24 11.09 16.46
CA LEU F 47 20.06 11.63 17.55
C LEU F 47 21.52 11.70 17.14
N LEU F 48 22.05 10.61 16.59
CA LEU F 48 23.45 10.61 16.16
C LEU F 48 23.68 11.60 15.03
N PHE F 49 22.73 11.70 14.10
CA PHE F 49 22.86 12.69 13.03
C PHE F 49 22.93 14.09 13.60
N LEU F 50 22.06 14.41 14.55
CA LEU F 50 22.06 15.76 15.12
C LEU F 50 23.33 16.03 15.91
N GLN F 51 23.90 15.02 16.56
CA GLN F 51 25.16 15.24 17.27
C GLN F 51 26.27 15.60 16.31
N SER F 52 26.25 15.04 15.09
CA SER F 52 27.32 15.33 14.14
C SER F 52 27.21 16.73 13.58
N GLU F 53 25.98 17.19 13.31
CA GLU F 53 25.80 18.59 12.93
C GLU F 53 26.34 19.52 14.00
N SER F 54 26.29 19.09 15.26
CA SER F 54 26.82 19.87 16.37
C SER F 54 26.65 19.09 17.67
N ASN F 55 27.74 18.84 18.39
CA ASN F 55 27.67 18.12 19.65
C ASN F 55 27.51 19.05 20.85
N LYS F 56 27.17 20.32 20.61
CA LYS F 56 26.92 21.27 21.67
C LYS F 56 25.54 21.91 21.60
N LYS F 57 24.97 22.03 20.41
CA LYS F 57 23.61 22.57 20.29
C LYS F 57 22.63 21.63 20.97
N PRO F 58 21.76 22.12 21.86
CA PRO F 58 20.77 21.24 22.49
C PRO F 58 19.95 20.46 21.48
N ILE F 59 19.51 19.28 21.91
CA ILE F 59 18.59 18.43 21.15
C ILE F 59 17.29 18.34 21.92
N HIS F 60 16.17 18.33 21.20
CA HIS F 60 14.85 18.34 21.80
C HIS F 60 14.10 17.06 21.44
N MET F 61 13.60 16.37 22.46
CA MET F 61 12.85 15.13 22.29
C MET F 61 11.42 15.37 22.75
N TYR F 62 10.47 15.29 21.82
CA TYR F 62 9.05 15.39 22.13
C TYR F 62 8.51 14.00 22.45
N ILE F 63 7.86 13.86 23.59
CA ILE F 63 7.40 12.57 24.10
C ILE F 63 5.89 12.63 24.29
N ASN F 64 5.16 11.84 23.50
CA ASN F 64 3.74 11.56 23.72
C ASN F 64 3.57 10.07 23.46
N SER F 65 3.88 9.25 24.46
CA SER F 65 3.98 7.82 24.27
C SER F 65 3.37 7.07 25.44
N PRO F 66 2.67 5.97 25.19
CA PRO F 66 2.16 5.13 26.29
C PRO F 66 3.12 4.03 26.75
N GLY F 67 4.34 4.01 26.25
CA GLY F 67 5.30 2.96 26.56
C GLY F 67 5.65 2.14 25.34
N GLY F 68 6.18 0.95 25.61
CA GLY F 68 6.52 0.03 24.53
C GLY F 68 7.56 -0.97 24.98
N VAL F 69 8.29 -1.50 23.98
CA VAL F 69 9.29 -2.53 24.25
C VAL F 69 10.37 -1.96 25.16
N VAL F 70 10.68 -2.70 26.23
CA VAL F 70 11.67 -2.24 27.20
C VAL F 70 13.03 -2.09 26.54
N THR F 71 13.51 -3.15 25.89
CA THR F 71 14.84 -3.10 25.29
C THR F 71 14.95 -1.96 24.28
N ALA F 72 13.88 -1.70 23.54
CA ALA F 72 13.89 -0.61 22.58
C ALA F 72 13.96 0.74 23.29
N GLY F 73 13.29 0.88 24.42
CA GLY F 73 13.37 2.11 25.19
C GLY F 73 14.74 2.32 25.80
N LEU F 74 15.35 1.25 26.28
CA LEU F 74 16.70 1.35 26.83
C LEU F 74 17.72 1.69 25.76
N ALA F 75 17.49 1.25 24.52
CA ALA F 75 18.39 1.62 23.42
C ALA F 75 18.37 3.12 23.18
N ILE F 76 17.18 3.73 23.19
CA ILE F 76 17.09 5.18 23.10
C ILE F 76 17.76 5.82 24.30
N TYR F 77 17.42 5.34 25.50
CA TYR F 77 18.01 5.90 26.72
C TYR F 77 19.53 5.91 26.65
N ASP F 78 20.13 4.77 26.30
CA ASP F 78 21.58 4.70 26.20
C ASP F 78 22.12 5.70 25.19
N THR F 79 21.43 5.85 24.05
CA THR F 79 21.87 6.81 23.05
C THR F 79 21.82 8.23 23.58
N MET F 80 20.72 8.58 24.27
CA MET F 80 20.63 9.89 24.90
C MET F 80 21.81 10.16 25.81
N GLN F 81 22.17 9.17 26.64
CA GLN F 81 23.29 9.35 27.55
C GLN F 81 24.62 9.37 26.81
N TYR F 82 24.71 8.69 25.68
CA TYR F 82 25.98 8.57 24.96
C TYR F 82 26.38 9.90 24.33
N ILE F 83 25.44 10.56 23.64
CA ILE F 83 25.79 11.74 22.87
C ILE F 83 26.15 12.89 23.80
N LEU F 84 26.99 13.80 23.31
CA LEU F 84 27.44 14.94 24.11
C LEU F 84 26.35 15.98 24.30
N ASN F 85 25.48 16.15 23.31
CA ASN F 85 24.56 17.27 23.31
C ASN F 85 23.72 17.28 24.59
N PRO F 86 23.38 18.44 25.13
CA PRO F 86 22.30 18.50 26.12
C PRO F 86 20.97 18.18 25.46
N ILE F 87 20.12 17.45 26.19
CA ILE F 87 18.87 16.95 25.64
C ILE F 87 17.73 17.52 26.47
N CYS F 88 16.88 18.33 25.82
CA CYS F 88 15.67 18.82 26.44
C CYS F 88 14.53 17.86 26.11
N THR F 89 13.87 17.35 27.14
CA THR F 89 12.73 16.46 26.98
C THR F 89 11.45 17.21 27.27
N TRP F 90 10.45 17.01 26.42
CA TRP F 90 9.16 17.69 26.53
C TRP F 90 8.06 16.66 26.49
N CYS F 91 7.18 16.69 27.48
CA CYS F 91 6.05 15.77 27.57
C CYS F 91 4.78 16.50 27.15
N VAL F 92 4.16 16.02 26.07
CA VAL F 92 2.87 16.51 25.61
C VAL F 92 1.92 15.32 25.57
N GLY F 93 0.74 15.49 26.15
CA GLY F 93 -0.22 14.41 26.24
C GLY F 93 0.07 13.48 27.40
N GLN F 94 1.03 12.57 27.24
CA GLN F 94 1.37 11.66 28.33
C GLN F 94 2.77 11.09 28.10
N ALA F 95 3.37 10.64 29.20
CA ALA F 95 4.62 9.86 29.17
C ALA F 95 4.43 8.69 30.14
N ALA F 96 4.17 7.51 29.60
CA ALA F 96 3.85 6.33 30.40
C ALA F 96 4.90 5.25 30.21
N SER F 97 5.23 4.56 31.30
N SER F 97 5.24 4.57 31.30
CA SER F 97 6.16 3.42 31.30
CA SER F 97 6.16 3.42 31.30
C SER F 97 7.48 3.91 30.72
C SER F 97 7.49 3.90 30.72
N MET F 98 8.00 3.31 29.64
CA MET F 98 9.29 3.73 29.08
C MET F 98 9.27 5.16 28.58
N GLY F 99 8.09 5.72 28.33
CA GLY F 99 8.00 7.11 27.95
C GLY F 99 8.42 8.04 29.06
N SER F 100 7.99 7.75 30.29
CA SER F 100 8.42 8.54 31.43
C SER F 100 9.90 8.32 31.75
N LEU F 101 10.45 7.17 31.38
CA LEU F 101 11.88 6.96 31.58
C LEU F 101 12.70 7.87 30.67
N LEU F 102 12.31 7.98 29.39
CA LEU F 102 12.98 8.90 28.50
C LEU F 102 12.77 10.34 28.94
N LEU F 103 11.54 10.68 29.33
CA LEU F 103 11.27 12.02 29.85
C LEU F 103 12.21 12.35 31.01
N ALA F 104 12.37 11.42 31.94
CA ALA F 104 13.22 11.66 33.10
C ALA F 104 14.71 11.65 32.75
N ALA F 105 15.07 11.06 31.61
CA ALA F 105 16.47 10.93 31.23
C ALA F 105 17.03 12.19 30.59
N GLY F 106 16.22 13.22 30.40
CA GLY F 106 16.72 14.46 29.85
C GLY F 106 17.79 15.08 30.74
N THR F 107 18.46 16.08 30.19
CA THR F 107 19.49 16.76 30.94
C THR F 107 18.89 17.46 32.16
N PRO F 108 19.53 17.40 33.33
CA PRO F 108 18.98 18.08 34.50
C PRO F 108 18.63 19.53 34.20
N GLY F 109 17.47 19.96 34.71
CA GLY F 109 16.97 21.30 34.46
C GLY F 109 16.40 21.52 33.08
N MET F 110 16.37 20.50 32.22
CA MET F 110 15.87 20.62 30.86
C MET F 110 14.74 19.64 30.56
N ARG F 111 14.08 19.13 31.60
CA ARG F 111 12.98 18.19 31.44
C ARG F 111 11.66 18.93 31.68
N HIS F 112 10.81 18.97 30.67
CA HIS F 112 9.62 19.80 30.69
C HIS F 112 8.36 18.97 30.47
N SER F 113 7.23 19.59 30.79
CA SER F 113 5.92 19.02 30.48
C SER F 113 4.92 20.16 30.32
N LEU F 114 3.98 19.98 29.38
CA LEU F 114 2.86 20.89 29.27
C LEU F 114 1.90 20.67 30.44
N PRO F 115 1.00 21.62 30.70
CA PRO F 115 0.30 21.61 31.99
C PRO F 115 -0.66 20.44 32.21
N ASN F 116 -1.26 19.89 31.16
CA ASN F 116 -2.28 18.87 31.31
C ASN F 116 -1.79 17.46 31.00
N SER F 117 -0.49 17.26 30.84
CA SER F 117 0.02 15.94 30.52
C SER F 117 -0.18 14.99 31.69
N ARG F 118 -0.04 13.69 31.41
CA ARG F 118 -0.13 12.63 32.40
C ARG F 118 1.15 11.82 32.37
N ILE F 119 1.70 11.52 33.54
CA ILE F 119 2.99 10.84 33.66
C ILE F 119 2.83 9.63 34.55
N MET F 120 3.25 8.47 34.06
CA MET F 120 3.18 7.22 34.82
C MET F 120 4.51 6.49 34.71
N ILE F 121 5.06 6.10 35.86
CA ILE F 121 6.25 5.25 35.90
C ILE F 121 5.89 3.80 36.18
N HIS F 122 4.64 3.50 36.51
CA HIS F 122 4.18 2.12 36.64
C HIS F 122 4.39 1.38 35.33
N GLN F 123 4.95 0.17 35.42
CA GLN F 123 5.12 -0.65 34.21
C GLN F 123 3.91 -1.56 34.02
N PRO F 124 3.41 -1.70 32.80
CA PRO F 124 2.22 -2.52 32.57
C PRO F 124 2.52 -3.99 32.79
N SER F 125 1.45 -4.76 32.97
CA SER F 125 1.59 -6.19 33.20
C SER F 125 1.78 -6.92 31.87
N GLY F 126 2.60 -7.96 31.90
CA GLY F 126 2.86 -8.76 30.71
C GLY F 126 4.00 -8.20 29.87
N GLN F 131 4.38 -3.63 22.32
CA GLN F 131 4.53 -4.87 23.05
C GLN F 131 5.34 -4.65 24.33
N ALA F 132 5.72 -5.74 24.99
CA ALA F 132 6.58 -5.70 26.16
C ALA F 132 7.99 -6.19 25.84
N THR F 133 8.11 -7.38 25.25
CA THR F 133 9.38 -7.89 24.76
C THR F 133 9.17 -8.44 23.34
N ASP F 134 10.25 -8.47 22.57
CA ASP F 134 10.17 -9.00 21.22
C ASP F 134 9.94 -10.51 21.23
N ILE F 135 10.56 -11.20 22.19
CA ILE F 135 10.43 -12.65 22.33
C ILE F 135 10.11 -12.95 23.79
N ALA F 136 9.59 -14.15 24.02
CA ALA F 136 9.22 -14.55 25.37
C ALA F 136 10.46 -14.78 26.21
N ILE F 137 10.38 -14.43 27.50
CA ILE F 137 11.55 -14.46 28.38
C ILE F 137 11.18 -15.04 29.73
N GLN F 138 12.20 -15.42 30.49
CA GLN F 138 12.03 -16.12 31.76
C GLN F 138 11.78 -15.13 32.90
N ALA F 139 11.30 -15.67 34.02
CA ALA F 139 11.02 -14.86 35.19
C ALA F 139 12.24 -14.05 35.61
N GLU F 140 13.41 -14.68 35.63
CA GLU F 140 14.62 -13.99 36.08
C GLU F 140 14.97 -12.82 35.16
N GLU F 141 14.72 -12.98 33.85
CA GLU F 141 15.05 -11.92 32.90
C GLU F 141 14.09 -10.74 33.04
N ILE F 142 12.79 -11.00 33.19
CA ILE F 142 11.86 -9.90 33.40
C ILE F 142 12.25 -9.10 34.63
N MET F 143 12.71 -9.80 35.68
CA MET F 143 13.09 -9.12 36.91
C MET F 143 14.36 -8.31 36.73
N LYS F 144 15.33 -8.84 35.99
CA LYS F 144 16.57 -8.10 35.77
C LYS F 144 16.31 -6.83 34.96
N LEU F 145 15.38 -6.89 34.00
CA LEU F 145 14.98 -5.68 33.28
C LEU F 145 14.33 -4.69 34.23
N LYS F 146 13.41 -5.16 35.06
CA LYS F 146 12.75 -4.28 36.03
C LYS F 146 13.77 -3.56 36.91
N LYS F 147 14.81 -4.28 37.34
CA LYS F 147 15.83 -3.66 38.20
C LYS F 147 16.63 -2.62 37.43
N GLN F 148 16.88 -2.84 36.14
CA GLN F 148 17.54 -1.81 35.34
C GLN F 148 16.72 -0.53 35.30
N LEU F 149 15.39 -0.66 35.26
CA LEU F 149 14.53 0.51 35.31
C LEU F 149 14.62 1.19 36.68
N TYR F 150 14.58 0.40 37.76
CA TYR F 150 14.72 0.95 39.09
C TYR F 150 15.96 1.84 39.20
N ASN F 151 17.10 1.33 38.75
CA ASN F 151 18.35 2.09 38.87
C ASN F 151 18.30 3.37 38.05
N ILE F 152 17.85 3.26 36.79
CA ILE F 152 17.75 4.45 35.94
C ILE F 152 16.84 5.49 36.61
N TYR F 153 15.63 5.08 36.98
CA TYR F 153 14.72 6.02 37.63
C TYR F 153 15.34 6.62 38.89
N ALA F 154 16.05 5.80 39.67
CA ALA F 154 16.69 6.31 40.88
C ALA F 154 17.81 7.29 40.53
N LYS F 155 18.52 7.03 39.43
CA LYS F 155 19.64 7.89 39.05
C LYS F 155 19.17 9.29 38.70
N HIS F 156 18.12 9.40 37.89
CA HIS F 156 17.70 10.68 37.34
C HIS F 156 16.70 11.42 38.21
N THR F 157 16.01 10.74 39.12
CA THR F 157 15.10 11.39 40.03
C THR F 157 15.72 11.70 41.39
N LYS F 158 16.86 11.09 41.70
CA LYS F 158 17.54 11.25 42.98
C LYS F 158 16.77 10.63 44.14
N GLN F 159 15.80 9.77 43.83
CA GLN F 159 15.09 9.01 44.85
C GLN F 159 15.81 7.69 45.12
N SER F 160 15.62 7.17 46.33
CA SER F 160 16.19 5.88 46.69
C SER F 160 15.46 4.76 45.93
N LEU F 161 16.07 3.57 45.96
CA LEU F 161 15.46 2.43 45.29
C LEU F 161 14.09 2.11 45.90
N GLN F 162 14.02 2.02 47.22
CA GLN F 162 12.76 1.69 47.88
C GLN F 162 11.66 2.67 47.47
N VAL F 163 11.99 3.96 47.39
CA VAL F 163 11.00 4.94 46.95
C VAL F 163 10.54 4.63 45.53
N ILE F 164 11.50 4.35 44.64
CA ILE F 164 11.15 4.00 43.26
C ILE F 164 10.30 2.74 43.23
N GLU F 165 10.79 1.67 43.86
CA GLU F 165 10.09 0.40 43.82
C GLU F 165 8.65 0.54 44.32
N SER F 166 8.46 1.26 45.42
CA SER F 166 7.12 1.43 45.97
C SER F 166 6.24 2.25 45.03
N ALA F 167 6.78 3.35 44.49
CA ALA F 167 6.00 4.20 43.61
C ALA F 167 5.61 3.46 42.34
N MET F 168 6.56 2.76 41.73
CA MET F 168 6.26 1.99 40.52
C MET F 168 5.26 0.88 40.79
N GLU F 169 5.00 0.55 42.05
CA GLU F 169 4.02 -0.46 42.39
C GLU F 169 2.59 0.08 42.36
N ARG F 170 2.42 1.40 42.38
CA ARG F 170 1.11 2.03 42.36
C ARG F 170 0.68 2.23 40.91
N ASP F 171 -0.51 1.70 40.57
CA ASP F 171 -1.04 1.81 39.21
C ASP F 171 -1.79 3.14 39.11
N ARG F 172 -1.03 4.20 38.86
CA ARG F 172 -1.60 5.54 38.85
C ARG F 172 -0.78 6.43 37.92
N TYR F 173 -1.36 7.58 37.58
CA TYR F 173 -0.70 8.63 36.83
C TYR F 173 -0.41 9.80 37.77
N MET F 174 0.60 10.60 37.39
CA MET F 174 0.95 11.81 38.12
C MET F 174 0.63 13.03 37.28
N SER F 175 0.33 14.13 37.96
CA SER F 175 0.26 15.41 37.29
C SER F 175 1.67 15.93 37.03
N PRO F 176 1.82 16.87 36.11
CA PRO F 176 3.16 17.47 35.90
C PRO F 176 3.78 17.99 37.19
N MET F 177 2.98 18.59 38.07
CA MET F 177 3.50 19.08 39.34
C MET F 177 4.02 17.92 40.20
N GLU F 178 3.18 16.90 40.39
CA GLU F 178 3.63 15.72 41.12
C GLU F 178 4.91 15.16 40.52
N ALA F 179 4.99 15.12 39.19
CA ALA F 179 6.20 14.61 38.55
C ALA F 179 7.40 15.49 38.86
N GLN F 180 7.20 16.82 38.91
CA GLN F 180 8.28 17.70 39.30
C GLN F 180 8.72 17.45 40.73
N GLU F 181 7.76 17.32 41.65
CA GLU F 181 8.10 17.06 43.04
C GLU F 181 8.84 15.74 43.19
N PHE F 182 8.46 14.74 42.38
CA PHE F 182 9.08 13.42 42.47
C PHE F 182 10.47 13.38 41.84
N GLY F 183 10.79 14.34 40.97
CA GLY F 183 12.09 14.39 40.34
C GLY F 183 12.14 13.86 38.93
N ILE F 184 11.00 13.70 38.26
CA ILE F 184 10.99 13.19 36.90
C ILE F 184 11.19 14.31 35.88
N LEU F 185 10.63 15.48 36.13
CA LEU F 185 10.80 16.64 35.28
C LEU F 185 11.17 17.84 36.15
N ASP F 186 11.63 18.90 35.49
CA ASP F 186 12.09 20.10 36.18
C ASP F 186 11.15 21.29 36.05
N LYS F 187 10.49 21.45 34.90
CA LYS F 187 9.68 22.63 34.64
C LYS F 187 8.35 22.24 34.03
N VAL F 188 7.28 22.89 34.49
CA VAL F 188 5.96 22.80 33.88
C VAL F 188 5.61 24.19 33.35
N LEU F 189 5.25 24.26 32.07
CA LEU F 189 5.15 25.53 31.35
C LEU F 189 3.82 25.62 30.63
N VAL F 190 3.26 26.82 30.60
CA VAL F 190 1.99 27.09 29.93
C VAL F 190 2.25 27.77 28.59
N HIS F 191 3.28 28.61 28.54
CA HIS F 191 3.69 29.34 27.35
C HIS F 191 5.21 29.44 27.39
N PRO F 192 5.84 29.93 26.32
CA PRO F 192 7.31 30.01 26.30
C PRO F 192 7.84 30.62 27.59
N PRO F 193 8.40 29.79 28.50
CA PRO F 193 8.76 30.21 29.87
C PRO F 193 9.30 31.64 29.98
N SER G 1 5.20 6.70 9.90
CA SER G 1 5.23 6.06 8.59
C SER G 1 6.21 6.76 7.66
N LEU G 2 6.62 7.96 8.02
CA LEU G 2 7.51 8.78 7.21
C LEU G 2 8.93 8.71 7.75
N ILE G 3 9.88 8.41 6.87
CA ILE G 3 11.29 8.38 7.22
C ILE G 3 11.86 9.78 6.96
N PRO G 4 12.30 10.50 7.99
CA PRO G 4 12.68 11.91 7.79
C PRO G 4 13.81 12.06 6.78
N ILE G 5 14.07 13.32 6.43
CA ILE G 5 15.06 13.68 5.44
C ILE G 5 16.08 14.61 6.08
N VAL G 6 17.33 14.50 5.65
CA VAL G 6 18.42 15.26 6.23
C VAL G 6 18.95 16.24 5.18
N VAL G 7 19.83 17.14 5.63
CA VAL G 7 20.46 18.16 4.79
C VAL G 7 20.73 17.65 3.38
N TYR G 17 19.82 13.68 2.56
CA TYR G 17 18.66 13.02 2.00
C TYR G 17 18.51 11.59 2.52
N ASP G 18 17.39 11.31 3.17
CA ASP G 18 17.07 9.97 3.66
C ASP G 18 18.01 9.58 4.79
N ILE G 19 17.46 9.36 5.99
CA ILE G 19 18.30 9.16 7.16
C ILE G 19 19.14 7.90 7.01
N TYR G 20 18.56 6.84 6.45
CA TYR G 20 19.28 5.58 6.38
C TYR G 20 20.32 5.58 5.26
N SER G 21 20.05 6.29 4.17
CA SER G 21 21.11 6.56 3.20
C SER G 21 22.26 7.32 3.85
N ARG G 22 21.95 8.19 4.82
CA ARG G 22 23.00 8.94 5.51
C ARG G 22 23.89 8.01 6.33
N LEU G 23 23.27 7.10 7.10
CA LEU G 23 24.05 6.14 7.86
C LEU G 23 24.95 5.32 6.94
N LEU G 24 24.46 4.95 5.75
CA LEU G 24 25.28 4.19 4.83
C LEU G 24 26.46 5.00 4.32
N ARG G 25 26.29 6.32 4.19
CA ARG G 25 27.43 7.16 3.83
C ARG G 25 28.45 7.21 4.96
N GLU G 26 28.01 7.07 6.21
CA GLU G 26 28.92 6.90 7.34
C GLU G 26 29.46 5.49 7.44
N ARG G 27 29.18 4.63 6.47
CA ARG G 27 29.62 3.23 6.49
C ARG G 27 29.00 2.50 7.67
N ILE G 28 27.73 2.80 7.95
CA ILE G 28 26.97 2.17 9.02
C ILE G 28 25.90 1.29 8.38
N VAL G 29 25.90 0.01 8.73
CA VAL G 29 24.87 -0.93 8.32
C VAL G 29 24.06 -1.30 9.55
N CYS G 30 22.75 -1.36 9.39
CA CYS G 30 21.84 -1.62 10.51
C CYS G 30 21.26 -3.02 10.40
N VAL G 31 21.43 -3.80 11.47
CA VAL G 31 20.70 -5.04 11.66
C VAL G 31 19.81 -4.85 12.88
N MET G 32 18.72 -4.09 12.70
CA MET G 32 17.95 -3.53 13.81
C MET G 32 16.58 -4.18 13.96
N GLY G 33 16.45 -5.43 13.54
CA GLY G 33 15.19 -6.14 13.68
C GLY G 33 15.38 -7.64 13.56
N PRO G 34 14.28 -8.37 13.41
CA PRO G 34 14.41 -9.82 13.16
C PRO G 34 15.08 -10.07 11.81
N ILE G 35 15.86 -11.13 11.75
CA ILE G 35 16.71 -11.42 10.61
C ILE G 35 16.03 -12.46 9.73
N ASP G 36 15.82 -12.12 8.47
CA ASP G 36 15.26 -13.05 7.48
C ASP G 36 16.08 -12.91 6.20
N ASP G 37 15.62 -13.59 5.14
CA ASP G 37 16.40 -13.64 3.91
C ASP G 37 16.50 -12.28 3.24
N SER G 38 15.45 -11.46 3.32
CA SER G 38 15.49 -10.15 2.67
C SER G 38 16.38 -9.19 3.43
N VAL G 39 16.42 -9.30 4.76
CA VAL G 39 17.38 -8.52 5.54
C VAL G 39 18.80 -8.89 5.15
N ALA G 40 19.07 -10.20 5.08
CA ALA G 40 20.39 -10.66 4.68
C ALA G 40 20.75 -10.16 3.29
N SER G 41 19.79 -10.25 2.36
CA SER G 41 20.02 -9.70 1.03
C SER G 41 20.40 -8.23 1.10
N LEU G 42 19.73 -7.47 1.98
CA LEU G 42 20.01 -6.04 2.08
C LEU G 42 21.36 -5.78 2.73
N VAL G 43 21.61 -6.40 3.88
CA VAL G 43 22.89 -6.21 4.56
C VAL G 43 24.05 -6.60 3.65
N ILE G 44 23.97 -7.79 3.04
CA ILE G 44 25.06 -8.29 2.23
C ILE G 44 25.39 -7.29 1.12
N ALA G 45 24.36 -6.78 0.43
CA ALA G 45 24.60 -5.82 -0.63
C ALA G 45 25.29 -4.58 -0.11
N GLN G 46 24.91 -4.11 1.07
CA GLN G 46 25.54 -2.93 1.65
C GLN G 46 27.00 -3.20 2.00
N LEU G 47 27.29 -4.39 2.55
CA LEU G 47 28.67 -4.71 2.91
C LEU G 47 29.56 -4.79 1.68
N LEU G 48 29.09 -5.44 0.61
CA LEU G 48 29.88 -5.52 -0.60
C LEU G 48 30.04 -4.16 -1.27
N PHE G 49 29.02 -3.29 -1.15
CA PHE G 49 29.15 -1.94 -1.69
C PHE G 49 30.18 -1.14 -0.90
N LEU G 50 30.08 -1.15 0.43
CA LEU G 50 31.03 -0.40 1.25
C LEU G 50 32.45 -0.89 1.05
N GLN G 51 32.63 -2.20 0.86
CA GLN G 51 33.96 -2.73 0.58
C GLN G 51 34.54 -2.09 -0.68
N SER G 52 33.72 -1.97 -1.73
CA SER G 52 34.23 -1.45 -2.99
C SER G 52 34.61 0.01 -2.88
N GLU G 53 33.92 0.79 -2.06
CA GLU G 53 34.30 2.18 -1.85
C GLU G 53 35.66 2.27 -1.17
N SER G 54 35.92 1.37 -0.22
CA SER G 54 37.22 1.25 0.42
C SER G 54 37.28 -0.06 1.18
N ASN G 55 38.22 -0.93 0.81
CA ASN G 55 38.32 -2.25 1.42
C ASN G 55 39.17 -2.26 2.69
N LYS G 56 39.76 -1.12 3.05
CA LYS G 56 40.48 -0.98 4.31
C LYS G 56 39.73 -0.17 5.35
N LYS G 57 38.86 0.74 4.94
CA LYS G 57 38.19 1.60 5.90
C LYS G 57 37.18 0.80 6.71
N PRO G 58 37.13 0.98 8.03
CA PRO G 58 36.20 0.19 8.84
C PRO G 58 34.76 0.36 8.42
N ILE G 59 33.99 -0.71 8.59
CA ILE G 59 32.54 -0.68 8.49
C ILE G 59 31.99 -0.86 9.89
N HIS G 60 30.84 -0.25 10.14
CA HIS G 60 30.18 -0.32 11.44
C HIS G 60 28.82 -0.99 11.29
N MET G 61 28.54 -1.96 12.16
CA MET G 61 27.29 -2.70 12.14
C MET G 61 26.55 -2.48 13.45
N TYR G 62 25.38 -1.87 13.37
CA TYR G 62 24.52 -1.68 14.53
C TYR G 62 23.54 -2.84 14.62
N ILE G 63 23.46 -3.45 15.81
CA ILE G 63 22.69 -4.67 16.01
C ILE G 63 21.70 -4.44 17.15
N ASN G 64 20.40 -4.45 16.82
CA ASN G 64 19.32 -4.50 17.80
C ASN G 64 18.33 -5.54 17.27
N SER G 65 18.64 -6.82 17.52
CA SER G 65 17.95 -7.91 16.86
C SER G 65 17.64 -9.04 17.84
N PRO G 66 16.41 -9.59 17.80
CA PRO G 66 16.10 -10.77 18.63
C PRO G 66 16.54 -12.09 18.00
N GLY G 67 17.08 -12.06 16.78
CA GLY G 67 17.50 -13.26 16.08
C GLY G 67 16.75 -13.43 14.77
N GLY G 68 16.63 -14.68 14.34
CA GLY G 68 15.86 -14.98 13.15
C GLY G 68 16.38 -16.23 12.46
N VAL G 69 16.25 -16.22 11.13
CA VAL G 69 16.58 -17.38 10.32
C VAL G 69 18.09 -17.64 10.39
N VAL G 70 18.46 -18.88 10.67
CA VAL G 70 19.87 -19.21 10.88
C VAL G 70 20.65 -19.04 9.58
N THR G 71 20.18 -19.67 8.49
CA THR G 71 20.91 -19.58 7.23
C THR G 71 21.01 -18.14 6.75
N ALA G 72 20.00 -17.32 7.06
CA ALA G 72 20.10 -15.90 6.76
C ALA G 72 21.17 -15.23 7.60
N GLY G 73 21.25 -15.59 8.88
CA GLY G 73 22.30 -15.04 9.73
C GLY G 73 23.67 -15.53 9.32
N LEU G 74 23.78 -16.79 8.91
CA LEU G 74 25.06 -17.32 8.45
C LEU G 74 25.47 -16.70 7.12
N ALA G 75 24.50 -16.34 6.28
CA ALA G 75 24.79 -15.59 5.07
C ALA G 75 25.50 -14.29 5.41
N ILE G 76 24.92 -13.51 6.34
CA ILE G 76 25.55 -12.27 6.78
C ILE G 76 26.91 -12.55 7.38
N TYR G 77 27.00 -13.60 8.21
CA TYR G 77 28.27 -13.89 8.88
C TYR G 77 29.37 -14.20 7.86
N ASP G 78 29.07 -15.03 6.87
CA ASP G 78 30.07 -15.35 5.86
C ASP G 78 30.52 -14.12 5.11
N THR G 79 29.59 -13.21 4.81
CA THR G 79 29.97 -11.97 4.13
C THR G 79 30.84 -11.10 5.02
N MET G 80 30.53 -11.05 6.32
CA MET G 80 31.38 -10.33 7.27
C MET G 80 32.81 -10.83 7.21
N GLN G 81 32.99 -12.15 7.28
CA GLN G 81 34.33 -12.73 7.23
C GLN G 81 34.95 -12.62 5.85
N TYR G 82 34.14 -12.44 4.80
CA TYR G 82 34.64 -12.43 3.44
C TYR G 82 35.34 -11.11 3.11
N ILE G 83 34.69 -9.98 3.42
CA ILE G 83 35.21 -8.69 2.99
C ILE G 83 36.50 -8.36 3.74
N LEU G 84 37.35 -7.56 3.10
CA LEU G 84 38.63 -7.19 3.69
C LEU G 84 38.49 -6.17 4.81
N ASN G 85 37.32 -5.54 4.94
CA ASN G 85 37.19 -4.42 5.86
C ASN G 85 37.17 -4.90 7.31
N PRO G 86 37.78 -4.15 8.23
CA PRO G 86 37.46 -4.35 9.64
C PRO G 86 36.02 -3.94 9.91
N ILE G 87 35.40 -4.61 10.87
CA ILE G 87 33.99 -4.41 11.16
C ILE G 87 33.84 -4.15 12.65
N CYS G 88 33.26 -3.01 13.00
CA CYS G 88 32.91 -2.70 14.38
C CYS G 88 31.44 -3.03 14.59
N THR G 89 31.17 -3.94 15.53
CA THR G 89 29.81 -4.28 15.90
C THR G 89 29.41 -3.53 17.15
N TRP G 90 28.17 -3.05 17.18
CA TRP G 90 27.65 -2.27 18.30
C TRP G 90 26.27 -2.80 18.64
N CYS G 91 26.08 -3.18 19.91
CA CYS G 91 24.82 -3.70 20.39
C CYS G 91 24.08 -2.61 21.14
N VAL G 92 22.90 -2.24 20.63
CA VAL G 92 21.98 -1.33 21.32
C VAL G 92 20.66 -2.06 21.49
N GLY G 93 20.14 -2.07 22.71
CA GLY G 93 18.92 -2.79 23.00
C GLY G 93 19.20 -4.25 23.32
N GLN G 94 19.43 -5.07 22.29
CA GLN G 94 19.72 -6.47 22.52
C GLN G 94 20.35 -7.09 21.28
N ALA G 95 21.11 -8.15 21.50
CA ALA G 95 21.60 -9.04 20.44
C ALA G 95 21.35 -10.46 20.92
N ALA G 96 20.28 -11.07 20.40
CA ALA G 96 19.82 -12.38 20.86
C ALA G 96 19.90 -13.39 19.73
N SER G 97 20.27 -14.62 20.05
N SER G 97 20.29 -14.62 20.06
CA SER G 97 20.30 -15.72 19.09
CA SER G 97 20.37 -15.73 19.12
C SER G 97 21.29 -15.34 17.99
C SER G 97 21.31 -15.32 17.99
N MET G 98 20.92 -15.42 16.71
CA MET G 98 21.83 -15.06 15.63
C MET G 98 22.32 -13.62 15.74
N GLY G 99 21.58 -12.76 16.45
CA GLY G 99 22.03 -11.40 16.65
C GLY G 99 23.32 -11.32 17.43
N SER G 100 23.46 -12.16 18.46
CA SER G 100 24.68 -12.20 19.24
C SER G 100 25.83 -12.84 18.47
N LEU G 101 25.53 -13.71 17.51
CA LEU G 101 26.58 -14.28 16.67
C LEU G 101 27.21 -13.20 15.79
N LEU G 102 26.38 -12.40 15.12
CA LEU G 102 26.90 -11.30 14.33
C LEU G 102 27.68 -10.32 15.21
N LEU G 103 27.20 -10.08 16.43
CA LEU G 103 27.90 -9.20 17.36
C LEU G 103 29.28 -9.75 17.69
N ALA G 104 29.36 -11.05 17.99
CA ALA G 104 30.64 -11.67 18.32
C ALA G 104 31.53 -11.83 17.11
N ALA G 105 30.98 -11.76 15.90
CA ALA G 105 31.77 -11.93 14.69
C ALA G 105 32.53 -10.69 14.27
N GLY G 106 32.40 -9.59 15.01
CA GLY G 106 33.13 -8.38 14.67
C GLY G 106 34.63 -8.55 14.80
N THR G 107 35.35 -7.62 14.19
CA THR G 107 36.80 -7.61 14.29
C THR G 107 37.22 -7.64 15.76
N PRO G 108 38.17 -8.49 16.15
CA PRO G 108 38.62 -8.50 17.55
C PRO G 108 39.04 -7.12 18.01
N GLY G 109 38.63 -6.76 19.22
CA GLY G 109 38.88 -5.45 19.77
C GLY G 109 37.89 -4.39 19.36
N MET G 110 36.99 -4.67 18.42
CA MET G 110 36.06 -3.69 17.89
C MET G 110 34.61 -4.13 18.06
N ARG G 111 34.31 -4.87 19.12
CA ARG G 111 32.97 -5.36 19.40
C ARG G 111 32.46 -4.66 20.65
N HIS G 112 31.38 -3.88 20.51
CA HIS G 112 30.93 -2.99 21.57
C HIS G 112 29.48 -3.25 21.92
N SER G 113 29.09 -2.72 23.07
CA SER G 113 27.70 -2.69 23.50
C SER G 113 27.48 -1.43 24.32
N LEU G 114 26.27 -0.90 24.26
CA LEU G 114 25.87 0.17 25.16
C LEU G 114 25.58 -0.42 26.53
N PRO G 115 25.50 0.42 27.56
CA PRO G 115 25.51 -0.12 28.94
C PRO G 115 24.33 -1.04 29.27
N ASN G 116 23.14 -0.76 28.74
CA ASN G 116 21.94 -1.46 29.17
C ASN G 116 21.45 -2.50 28.17
N SER G 117 22.30 -2.95 27.26
CA SER G 117 21.88 -3.94 26.28
C SER G 117 21.82 -5.33 26.91
N ARG G 118 21.09 -6.23 26.24
CA ARG G 118 20.93 -7.61 26.67
C ARG G 118 21.43 -8.54 25.57
N ILE G 119 22.30 -9.47 25.93
CA ILE G 119 22.92 -10.38 24.97
C ILE G 119 22.51 -11.80 25.35
N MET G 120 22.08 -12.57 24.35
CA MET G 120 21.69 -13.96 24.55
C MET G 120 22.25 -14.79 23.41
N ILE G 121 23.03 -15.82 23.74
CA ILE G 121 23.50 -16.78 22.75
C ILE G 121 22.64 -18.05 22.74
N HIS G 122 21.78 -18.25 23.74
CA HIS G 122 20.80 -19.31 23.69
C HIS G 122 19.94 -19.17 22.43
N GLN G 123 19.67 -20.32 21.78
CA GLN G 123 18.86 -20.33 20.57
C GLN G 123 17.40 -20.60 20.92
N PRO G 124 16.45 -19.97 20.24
CA PRO G 124 15.04 -20.19 20.59
C PRO G 124 14.58 -21.58 20.17
N SER G 125 13.61 -22.10 20.91
CA SER G 125 12.97 -23.35 20.53
C SER G 125 12.01 -23.10 19.39
N GLY G 126 12.17 -23.84 18.29
CA GLY G 126 11.34 -23.68 17.12
C GLY G 126 11.01 -24.98 16.44
N GLN G 131 10.78 -19.96 14.40
CA GLN G 131 10.87 -19.60 12.99
C GLN G 131 12.31 -19.27 12.63
N ALA G 132 13.19 -20.25 12.77
CA ALA G 132 14.57 -20.14 12.34
C ALA G 132 14.86 -21.00 11.13
N THR G 133 13.82 -21.36 10.37
CA THR G 133 13.95 -22.21 9.20
C THR G 133 13.10 -21.63 8.08
N ASP G 134 13.62 -21.68 6.86
CA ASP G 134 12.80 -21.30 5.70
C ASP G 134 11.83 -22.43 5.33
N ILE G 135 12.26 -23.67 5.49
CA ILE G 135 11.43 -24.84 5.24
C ILE G 135 11.74 -25.87 6.32
N ALA G 136 10.73 -26.65 6.69
CA ALA G 136 10.90 -27.65 7.73
C ALA G 136 12.07 -28.57 7.38
N ILE G 137 12.77 -29.06 8.40
CA ILE G 137 13.99 -29.83 8.20
C ILE G 137 14.05 -30.99 9.18
N GLN G 138 14.91 -31.94 8.87
CA GLN G 138 15.06 -33.17 9.65
C GLN G 138 15.84 -32.90 10.93
N ALA G 139 15.80 -33.89 11.83
CA ALA G 139 16.53 -33.77 13.09
C ALA G 139 18.03 -33.61 12.86
N GLU G 140 18.59 -34.37 11.90
CA GLU G 140 20.02 -34.33 11.67
C GLU G 140 20.49 -32.99 11.14
N GLU G 141 19.66 -32.33 10.33
CA GLU G 141 20.07 -31.03 9.78
C GLU G 141 20.07 -29.96 10.85
N ILE G 142 19.03 -29.93 11.69
CA ILE G 142 18.97 -28.96 12.78
C ILE G 142 20.23 -29.08 13.64
N MET G 143 20.73 -30.30 13.81
CA MET G 143 21.90 -30.52 14.64
C MET G 143 23.18 -30.07 13.94
N LYS G 144 23.29 -30.30 12.62
CA LYS G 144 24.42 -29.78 11.88
C LYS G 144 24.48 -28.26 11.98
N LEU G 145 23.35 -27.59 11.80
CA LEU G 145 23.32 -26.14 11.95
C LEU G 145 23.74 -25.72 13.36
N LYS G 146 23.27 -26.45 14.37
CA LYS G 146 23.61 -26.12 15.75
C LYS G 146 25.11 -26.20 15.98
N LYS G 147 25.75 -27.24 15.43
CA LYS G 147 27.19 -27.40 15.60
C LYS G 147 27.97 -26.35 14.81
N GLN G 148 27.46 -25.94 13.66
CA GLN G 148 28.05 -24.79 12.97
C GLN G 148 28.10 -23.58 13.90
N LEU G 149 27.02 -23.33 14.64
CA LEU G 149 26.99 -22.21 15.56
C LEU G 149 27.95 -22.42 16.72
N TYR G 150 28.02 -23.64 17.27
CA TYR G 150 28.98 -23.93 18.31
C TYR G 150 30.39 -23.57 17.86
N ASN G 151 30.75 -23.95 16.64
CA ASN G 151 32.10 -23.70 16.15
C ASN G 151 32.37 -22.21 15.95
N ILE G 152 31.35 -21.46 15.52
CA ILE G 152 31.56 -20.04 15.26
C ILE G 152 31.68 -19.27 16.57
N TYR G 153 30.80 -19.57 17.54
CA TYR G 153 30.91 -18.92 18.84
C TYR G 153 32.26 -19.23 19.50
N ALA G 154 32.72 -20.48 19.39
CA ALA G 154 34.00 -20.85 19.97
C ALA G 154 35.15 -20.14 19.26
N LYS G 155 35.04 -20.00 17.93
CA LYS G 155 36.10 -19.37 17.17
C LYS G 155 36.32 -17.92 17.60
N HIS G 156 35.23 -17.19 17.85
CA HIS G 156 35.32 -15.76 18.12
C HIS G 156 35.33 -15.40 19.60
N THR G 157 34.82 -16.27 20.47
CA THR G 157 34.90 -16.03 21.91
C THR G 157 36.15 -16.64 22.52
N LYS G 158 36.80 -17.58 21.82
CA LYS G 158 37.97 -18.30 22.31
C LYS G 158 37.63 -19.29 23.41
N GLN G 159 36.34 -19.58 23.61
CA GLN G 159 35.91 -20.59 24.56
C GLN G 159 35.90 -21.97 23.91
N SER G 160 36.02 -22.99 24.75
CA SER G 160 35.98 -24.36 24.25
C SER G 160 34.56 -24.71 23.80
N LEU G 161 34.47 -25.77 22.99
CA LEU G 161 33.17 -26.24 22.54
C LEU G 161 32.26 -26.55 23.72
N GLN G 162 32.77 -27.31 24.69
CA GLN G 162 31.94 -27.71 25.82
C GLN G 162 31.43 -26.50 26.59
N VAL G 163 32.25 -25.47 26.74
CA VAL G 163 31.81 -24.25 27.42
C VAL G 163 30.67 -23.60 26.64
N ILE G 164 30.81 -23.54 25.31
CA ILE G 164 29.78 -22.92 24.48
C ILE G 164 28.50 -23.76 24.53
N GLU G 165 28.62 -25.07 24.33
CA GLU G 165 27.46 -25.93 24.32
C GLU G 165 26.68 -25.82 25.63
N SER G 166 27.38 -25.82 26.76
CA SER G 166 26.71 -25.70 28.05
C SER G 166 26.10 -24.32 28.21
N ALA G 167 26.82 -23.27 27.84
CA ALA G 167 26.31 -21.91 27.99
C ALA G 167 25.06 -21.70 27.15
N MET G 168 25.06 -22.18 25.91
CA MET G 168 23.91 -22.00 25.03
C MET G 168 22.69 -22.80 25.49
N GLU G 169 22.87 -23.73 26.43
CA GLU G 169 21.74 -24.48 26.98
C GLU G 169 20.97 -23.70 28.03
N ARG G 170 21.55 -22.62 28.55
CA ARG G 170 20.92 -21.80 29.59
C ARG G 170 20.06 -20.72 28.95
N ASP G 171 18.76 -20.75 29.24
CA ASP G 171 17.80 -19.79 28.70
C ASP G 171 17.91 -18.49 29.52
N ARG G 172 18.90 -17.68 29.16
CA ARG G 172 19.17 -16.46 29.91
C ARG G 172 19.86 -15.44 29.01
N TYR G 173 19.80 -14.18 29.43
CA TYR G 173 20.53 -13.09 28.80
C TYR G 173 21.75 -12.73 29.64
N MET G 174 22.78 -12.23 28.97
CA MET G 174 23.96 -11.68 29.64
C MET G 174 23.88 -10.16 29.65
N SER G 175 24.51 -9.56 30.65
CA SER G 175 24.76 -8.13 30.61
C SER G 175 25.99 -7.86 29.75
N PRO G 176 26.19 -6.61 29.32
CA PRO G 176 27.39 -6.31 28.52
C PRO G 176 28.68 -6.75 29.19
N MET G 177 28.82 -6.51 30.50
CA MET G 177 30.05 -6.88 31.18
C MET G 177 30.24 -8.39 31.22
N GLU G 178 29.14 -9.15 31.40
CA GLU G 178 29.24 -10.60 31.32
C GLU G 178 29.62 -11.03 29.91
N ALA G 179 28.99 -10.44 28.89
CA ALA G 179 29.33 -10.76 27.52
C ALA G 179 30.79 -10.44 27.21
N GLN G 180 31.34 -9.40 27.83
CA GLN G 180 32.76 -9.09 27.65
C GLN G 180 33.63 -10.18 28.26
N GLU G 181 33.33 -10.58 29.50
CA GLU G 181 34.12 -11.61 30.15
C GLU G 181 34.04 -12.93 29.40
N PHE G 182 32.89 -13.22 28.78
CA PHE G 182 32.70 -14.47 28.04
C PHE G 182 33.40 -14.45 26.68
N GLY G 183 33.79 -13.28 26.19
CA GLY G 183 34.44 -13.17 24.90
C GLY G 183 33.53 -12.82 23.75
N ILE G 184 32.31 -12.38 24.02
CA ILE G 184 31.37 -12.04 22.95
C ILE G 184 31.64 -10.63 22.43
N LEU G 185 31.99 -9.72 23.32
CA LEU G 185 32.31 -8.34 22.94
C LEU G 185 33.57 -7.92 23.67
N ASP G 186 34.10 -6.77 23.27
CA ASP G 186 35.40 -6.31 23.74
C ASP G 186 35.32 -5.13 24.69
N LYS G 187 34.37 -4.21 24.51
CA LYS G 187 34.25 -3.08 25.42
C LYS G 187 32.80 -2.65 25.53
N VAL G 188 32.46 -2.10 26.70
CA VAL G 188 31.15 -1.53 26.98
C VAL G 188 31.31 -0.02 27.10
N LEU G 189 30.64 0.72 26.22
CA LEU G 189 30.75 2.17 26.19
C LEU G 189 29.57 2.83 26.88
N VAL G 190 29.84 3.92 27.58
CA VAL G 190 28.82 4.79 28.15
C VAL G 190 28.80 6.14 27.45
N HIS G 191 29.97 6.67 27.11
CA HIS G 191 30.12 7.93 26.42
C HIS G 191 31.25 7.80 25.42
N PRO G 192 31.27 8.62 24.38
CA PRO G 192 32.34 8.52 23.38
C PRO G 192 33.69 8.81 24.01
N PRO G 193 34.74 8.05 23.64
CA PRO G 193 36.08 8.35 24.14
C PRO G 193 36.41 9.84 24.08
N GLN G 194 36.37 10.41 22.87
CA GLN G 194 36.58 11.84 22.70
C GLN G 194 35.74 12.37 21.54
#